data_1FN2
# 
_entry.id   1FN2 
# 
_audit_conform.dict_name       mmcif_pdbx.dic 
_audit_conform.dict_version    5.386 
_audit_conform.dict_location   http://mmcif.pdb.org/dictionaries/ascii/mmcif_pdbx.dic 
# 
loop_
_database_2.database_id 
_database_2.database_code 
_database_2.pdbx_database_accession 
_database_2.pdbx_DOI 
PDB   1FN2         pdb_00001fn2 10.2210/pdb1fn2/pdb 
NDB   DD0033       ?            ?                   
RCSB  RCSB011729   ?            ?                   
WWPDB D_1000011729 ?            ?                   
# 
loop_
_pdbx_audit_revision_history.ordinal 
_pdbx_audit_revision_history.data_content_type 
_pdbx_audit_revision_history.major_revision 
_pdbx_audit_revision_history.minor_revision 
_pdbx_audit_revision_history.revision_date 
1 'Structure model' 1 0 2000-10-30 
2 'Structure model' 1 1 2008-04-27 
3 'Structure model' 1 2 2011-07-13 
4 'Structure model' 1 3 2024-02-07 
# 
_pdbx_audit_revision_details.ordinal             1 
_pdbx_audit_revision_details.revision_ordinal    1 
_pdbx_audit_revision_details.data_content_type   'Structure model' 
_pdbx_audit_revision_details.provider            repository 
_pdbx_audit_revision_details.type                'Initial release' 
_pdbx_audit_revision_details.description         ? 
_pdbx_audit_revision_details.details             ? 
# 
loop_
_pdbx_audit_revision_group.ordinal 
_pdbx_audit_revision_group.revision_ordinal 
_pdbx_audit_revision_group.data_content_type 
_pdbx_audit_revision_group.group 
1 2 'Structure model' 'Version format compliance' 
2 3 'Structure model' 'Version format compliance' 
3 4 'Structure model' 'Data collection'           
4 4 'Structure model' 'Database references'       
5 4 'Structure model' 'Derived calculations'      
# 
loop_
_pdbx_audit_revision_category.ordinal 
_pdbx_audit_revision_category.revision_ordinal 
_pdbx_audit_revision_category.data_content_type 
_pdbx_audit_revision_category.category 
1 4 'Structure model' chem_comp_atom         
2 4 'Structure model' chem_comp_bond         
3 4 'Structure model' database_2             
4 4 'Structure model' pdbx_struct_conn_angle 
5 4 'Structure model' struct_conn            
6 4 'Structure model' struct_site            
# 
loop_
_pdbx_audit_revision_item.ordinal 
_pdbx_audit_revision_item.revision_ordinal 
_pdbx_audit_revision_item.data_content_type 
_pdbx_audit_revision_item.item 
1  4 'Structure model' '_database_2.pdbx_DOI'                        
2  4 'Structure model' '_database_2.pdbx_database_accession'         
3  4 'Structure model' '_pdbx_struct_conn_angle.ptnr1_auth_comp_id'  
4  4 'Structure model' '_pdbx_struct_conn_angle.ptnr1_auth_seq_id'   
5  4 'Structure model' '_pdbx_struct_conn_angle.ptnr1_label_asym_id' 
6  4 'Structure model' '_pdbx_struct_conn_angle.ptnr1_label_atom_id' 
7  4 'Structure model' '_pdbx_struct_conn_angle.ptnr1_label_comp_id' 
8  4 'Structure model' '_pdbx_struct_conn_angle.ptnr1_label_seq_id'  
9  4 'Structure model' '_pdbx_struct_conn_angle.ptnr1_symmetry'      
10 4 'Structure model' '_pdbx_struct_conn_angle.ptnr2_auth_comp_id'  
11 4 'Structure model' '_pdbx_struct_conn_angle.ptnr2_auth_seq_id'   
12 4 'Structure model' '_pdbx_struct_conn_angle.ptnr2_label_asym_id' 
13 4 'Structure model' '_pdbx_struct_conn_angle.ptnr2_label_atom_id' 
14 4 'Structure model' '_pdbx_struct_conn_angle.ptnr2_label_comp_id' 
15 4 'Structure model' '_pdbx_struct_conn_angle.ptnr3_auth_comp_id'  
16 4 'Structure model' '_pdbx_struct_conn_angle.ptnr3_auth_seq_id'   
17 4 'Structure model' '_pdbx_struct_conn_angle.ptnr3_label_asym_id' 
18 4 'Structure model' '_pdbx_struct_conn_angle.ptnr3_label_atom_id' 
19 4 'Structure model' '_pdbx_struct_conn_angle.ptnr3_label_comp_id' 
20 4 'Structure model' '_pdbx_struct_conn_angle.ptnr3_label_seq_id'  
21 4 'Structure model' '_pdbx_struct_conn_angle.ptnr3_symmetry'      
22 4 'Structure model' '_pdbx_struct_conn_angle.value'               
23 4 'Structure model' '_struct_conn.pdbx_dist_value'                
24 4 'Structure model' '_struct_conn.ptnr1_auth_comp_id'             
25 4 'Structure model' '_struct_conn.ptnr1_auth_seq_id'              
26 4 'Structure model' '_struct_conn.ptnr1_label_asym_id'            
27 4 'Structure model' '_struct_conn.ptnr1_label_atom_id'            
28 4 'Structure model' '_struct_conn.ptnr1_label_comp_id'            
29 4 'Structure model' '_struct_conn.ptnr1_label_seq_id'             
30 4 'Structure model' '_struct_conn.ptnr1_symmetry'                 
31 4 'Structure model' '_struct_conn.ptnr2_auth_comp_id'             
32 4 'Structure model' '_struct_conn.ptnr2_auth_seq_id'              
33 4 'Structure model' '_struct_conn.ptnr2_label_asym_id'            
34 4 'Structure model' '_struct_conn.ptnr2_label_atom_id'            
35 4 'Structure model' '_struct_conn.ptnr2_label_comp_id'            
36 4 'Structure model' '_struct_conn.ptnr2_label_seq_id'             
37 4 'Structure model' '_struct_conn.ptnr2_symmetry'                 
38 4 'Structure model' '_struct_site.pdbx_auth_asym_id'              
39 4 'Structure model' '_struct_site.pdbx_auth_comp_id'              
40 4 'Structure model' '_struct_site.pdbx_auth_seq_id'               
# 
_pdbx_database_status.status_code                     REL 
_pdbx_database_status.entry_id                        1FN2 
_pdbx_database_status.recvd_initial_deposition_date   2000-08-19 
_pdbx_database_status.deposit_site                    NDB 
_pdbx_database_status.process_site                    NDB 
_pdbx_database_status.status_code_sf                  REL 
_pdbx_database_status.SG_entry                        . 
_pdbx_database_status.pdb_format_compatible           Y 
_pdbx_database_status.status_code_mr                  ? 
_pdbx_database_status.status_code_cs                  ? 
_pdbx_database_status.status_code_nmr_data            ? 
_pdbx_database_status.methods_development_category    ? 
# 
loop_
_pdbx_database_related.db_name 
_pdbx_database_related.db_id 
_pdbx_database_related.details 
_pdbx_database_related.content_type 
NDB DD0032 '9-amino-(N-(2-dimethylamino)butyl)acridine-4-carboxamide bound to d(CG(5Br)UACG)2'      unspecified 
NDB DD0023 '5-F-9-amino-(N-(2-dimethylamino)ethyl)acridine-4-carboxamide bound to d(CGTACG)2'       unspecified 
NDB DD0015 '9-amino-(N-(2-dimethylamino)ethyl)acridine-4-carboxamide bound to d(CGTACG)2'           unspecified 
NDB DDB074 '6-Br-9-amino-(N-(2-dimethylamino)ethyl)acridine-4-carboxamide bound to d(CG(5Br)UACG)2' unspecified 
# 
loop_
_audit_author.name 
_audit_author.pdbx_ordinal 
'Adams, A.'       1 
'Guss, J.M.'      2 
'Collyer, C.A.'   3 
'Denny, W.A.'     4 
'Wakelin, L.P.G.' 5 
# 
_citation.id                        primary 
_citation.title                     
'A novel form of intercalation involving four DNA duplexes in an acridine-4-carboxamide complex of d(CGTACG)(2).' 
_citation.journal_abbrev            'Nucleic Acids Res.' 
_citation.journal_volume            28 
_citation.page_first                4244 
_citation.page_last                 4253 
_citation.year                      2000 
_citation.journal_id_ASTM           NARHAD 
_citation.country                   UK 
_citation.journal_id_ISSN           0305-1048 
_citation.journal_id_CSD            0389 
_citation.book_publisher            ? 
_citation.pdbx_database_id_PubMed   11058124 
_citation.pdbx_database_id_DOI      10.1093/nar/28.21.4244 
# 
loop_
_citation_author.citation_id 
_citation_author.name 
_citation_author.ordinal 
_citation_author.identifier_ORCID 
primary 'Adams, A.'     1 ? 
primary 'Guss, J.M.'    2 ? 
primary 'Collyer, C.A.' 3 ? 
primary 'Denny, W.A.'   4 ? 
primary 'Wakelin, L.P.' 5 ? 
# 
loop_
_entity.id 
_entity.type 
_entity.src_method 
_entity.pdbx_description 
_entity.formula_weight 
_entity.pdbx_number_of_molecules 
_entity.pdbx_ec 
_entity.pdbx_mutation 
_entity.pdbx_fragment 
_entity.details 
1 polymer     syn 
;DNA (5'-D(P*GP*TP*AP*CP*G)-3')
;
1520.036 1  ? ? ? 'KNOWN TO BE A GOOD SEQUENCE FOR INTERCALATION' 
2 polymer     syn 
;DNA (5'-D(*CP*GP*TP*AP*CP*G)-3')
;
1809.217 1  ? ? ? 'KNOWN TO BE A GOOD SEQUENCE FOR INTERCALATION' 
3 non-polymer syn 'COBALT (II) ION'                                          58.933   2  ? ? ? ? 
4 non-polymer syn '9-AMINO-(N-(2-DIMETHYLAMINO)BUTYL)ACRIDINE-4-CARBOXAMIDE' 336.431  1  ? ? ? ? 
5 non-polymer syn 'SODIUM ION'                                               22.990   1  ? ? ? ? 
6 water       nat water                                                      18.015   31 ? ? ? ? 
# 
loop_
_entity_poly.entity_id 
_entity_poly.type 
_entity_poly.nstd_linkage 
_entity_poly.nstd_monomer 
_entity_poly.pdbx_seq_one_letter_code 
_entity_poly.pdbx_seq_one_letter_code_can 
_entity_poly.pdbx_strand_id 
_entity_poly.pdbx_target_identifier 
1 polydeoxyribonucleotide no no '(DG)(DT)(DA)(DC)(DG)'     GTACG  A ? 
2 polydeoxyribonucleotide no no '(DC)(DG)(DT)(DA)(DC)(DG)' CGTACG B ? 
# 
loop_
_pdbx_entity_nonpoly.entity_id 
_pdbx_entity_nonpoly.name 
_pdbx_entity_nonpoly.comp_id 
3 'COBALT (II) ION'                                          CO  
4 '9-AMINO-(N-(2-DIMETHYLAMINO)BUTYL)ACRIDINE-4-CARBOXAMIDE' 8AD 
5 'SODIUM ION'                                               NA  
6 water                                                      HOH 
# 
loop_
_entity_poly_seq.entity_id 
_entity_poly_seq.num 
_entity_poly_seq.mon_id 
_entity_poly_seq.hetero 
1 1 DG n 
1 2 DT n 
1 3 DA n 
1 4 DC n 
1 5 DG n 
2 1 DC n 
2 2 DG n 
2 3 DT n 
2 4 DA n 
2 5 DC n 
2 6 DG n 
# 
loop_
_chem_comp.id 
_chem_comp.type 
_chem_comp.mon_nstd_flag 
_chem_comp.name 
_chem_comp.pdbx_synonyms 
_chem_comp.formula 
_chem_comp.formula_weight 
8AD non-polymer   . '9-AMINO-(N-(2-DIMETHYLAMINO)BUTYL)ACRIDINE-4-CARBOXAMIDE' ? 'C20 H24 N4 O'    336.431 
CO  non-polymer   . 'COBALT (II) ION'                                          ? 'Co 2'            58.933  
DA  'DNA linking' y "2'-DEOXYADENOSINE-5'-MONOPHOSPHATE"                       ? 'C10 H14 N5 O6 P' 331.222 
DC  'DNA linking' y "2'-DEOXYCYTIDINE-5'-MONOPHOSPHATE"                        ? 'C9 H14 N3 O7 P'  307.197 
DG  'DNA linking' y "2'-DEOXYGUANOSINE-5'-MONOPHOSPHATE"                       ? 'C10 H14 N5 O7 P' 347.221 
DT  'DNA linking' y "THYMIDINE-5'-MONOPHOSPHATE"                               ? 'C10 H15 N2 O8 P' 322.208 
HOH non-polymer   . WATER                                                      ? 'H2 O'            18.015  
NA  non-polymer   . 'SODIUM ION'                                               ? 'Na 1'            22.990  
# 
loop_
_pdbx_poly_seq_scheme.asym_id 
_pdbx_poly_seq_scheme.entity_id 
_pdbx_poly_seq_scheme.seq_id 
_pdbx_poly_seq_scheme.mon_id 
_pdbx_poly_seq_scheme.ndb_seq_num 
_pdbx_poly_seq_scheme.pdb_seq_num 
_pdbx_poly_seq_scheme.auth_seq_num 
_pdbx_poly_seq_scheme.pdb_mon_id 
_pdbx_poly_seq_scheme.auth_mon_id 
_pdbx_poly_seq_scheme.pdb_strand_id 
_pdbx_poly_seq_scheme.pdb_ins_code 
_pdbx_poly_seq_scheme.hetero 
A 1 1 DG 1 1002 1002 DG G A . n 
A 1 2 DT 2 1003 1003 DT T A . n 
A 1 3 DA 3 1004 1004 DA A A . n 
A 1 4 DC 4 1005 1005 DC C A . n 
A 1 5 DG 5 1006 1006 DG G A . n 
B 2 1 DC 1 2001 2001 DC C B . n 
B 2 2 DG 2 2002 2002 DG G B . n 
B 2 3 DT 3 2003 2003 DT T B . n 
B 2 4 DA 4 2004 2004 DA A B . n 
B 2 5 DC 5 2005 2005 DC C B . n 
B 2 6 DG 6 2006 2006 DG G B . n 
# 
loop_
_pdbx_nonpoly_scheme.asym_id 
_pdbx_nonpoly_scheme.entity_id 
_pdbx_nonpoly_scheme.mon_id 
_pdbx_nonpoly_scheme.ndb_seq_num 
_pdbx_nonpoly_scheme.pdb_seq_num 
_pdbx_nonpoly_scheme.auth_seq_num 
_pdbx_nonpoly_scheme.pdb_mon_id 
_pdbx_nonpoly_scheme.auth_mon_id 
_pdbx_nonpoly_scheme.pdb_strand_id 
_pdbx_nonpoly_scheme.pdb_ins_code 
C 3 CO  1  4002 4002 CO  CO  A . 
D 4 8AD 1  3014 3014 8AD 8AD A . 
E 3 CO  1  4001 4001 CO  CO  B . 
F 5 NA  1  4003 4003 NA  NA  B . 
G 6 HOH 1  4007 4007 HOH HOH A . 
G 6 HOH 2  4008 4008 HOH HOH A . 
G 6 HOH 3  4014 4014 HOH HOH A . 
G 6 HOH 4  4017 4017 HOH HOH A . 
G 6 HOH 5  4021 4021 HOH HOH A . 
G 6 HOH 6  4022 4022 HOH HOH A . 
G 6 HOH 7  4023 4023 HOH HOH A . 
G 6 HOH 8  4025 4025 HOH HOH A . 
G 6 HOH 9  4026 4026 HOH HOH A . 
G 6 HOH 10 4027 4027 HOH HOH A . 
G 6 HOH 11 4028 4028 HOH HOH A . 
G 6 HOH 12 4032 4032 HOH HOH A . 
H 6 HOH 1  4004 4004 HOH HOH B . 
H 6 HOH 2  4005 4005 HOH HOH B . 
H 6 HOH 3  4006 4006 HOH HOH B . 
H 6 HOH 4  4009 4009 HOH HOH B . 
H 6 HOH 5  4010 4010 HOH HOH B . 
H 6 HOH 6  4011 4011 HOH HOH B . 
H 6 HOH 7  4012 4012 HOH HOH B . 
H 6 HOH 8  4013 4013 HOH HOH B . 
H 6 HOH 9  4015 4015 HOH HOH B . 
H 6 HOH 10 4016 4016 HOH HOH B . 
H 6 HOH 11 4018 4018 HOH HOH B . 
H 6 HOH 12 4019 4019 HOH HOH B . 
H 6 HOH 13 4020 4020 HOH HOH B . 
H 6 HOH 14 4024 4024 HOH HOH B . 
H 6 HOH 15 4029 4029 HOH HOH B . 
H 6 HOH 16 4030 4030 HOH HOH B . 
H 6 HOH 17 4031 4031 HOH HOH B . 
H 6 HOH 18 4033 4033 HOH HOH B . 
H 6 HOH 19 4034 4034 HOH HOH B . 
# 
loop_
_pdbx_unobs_or_zero_occ_atoms.id 
_pdbx_unobs_or_zero_occ_atoms.PDB_model_num 
_pdbx_unobs_or_zero_occ_atoms.polymer_flag 
_pdbx_unobs_or_zero_occ_atoms.occupancy_flag 
_pdbx_unobs_or_zero_occ_atoms.auth_asym_id 
_pdbx_unobs_or_zero_occ_atoms.auth_comp_id 
_pdbx_unobs_or_zero_occ_atoms.auth_seq_id 
_pdbx_unobs_or_zero_occ_atoms.PDB_ins_code 
_pdbx_unobs_or_zero_occ_atoms.auth_atom_id 
_pdbx_unobs_or_zero_occ_atoms.label_alt_id 
_pdbx_unobs_or_zero_occ_atoms.label_asym_id 
_pdbx_unobs_or_zero_occ_atoms.label_comp_id 
_pdbx_unobs_or_zero_occ_atoms.label_seq_id 
_pdbx_unobs_or_zero_occ_atoms.label_atom_id 
1  1 N 1 A 8AD 3014 ? CD1 ? D 8AD 1 CD1 
2  1 N 1 A 8AD 3014 ? OD1 ? D 8AD 1 OD1 
3  1 N 1 A 8AD 3014 ? ND1 ? D 8AD 1 ND1 
4  1 N 1 A 8AD 3014 ? ND2 ? D 8AD 1 ND2 
5  1 N 1 A 8AD 3014 ? CD2 ? D 8AD 1 CD2 
6  1 N 1 A 8AD 3014 ? CD3 ? D 8AD 1 CD3 
7  1 N 1 A 8AD 3014 ? CD4 ? D 8AD 1 CD4 
8  1 N 1 A 8AD 3014 ? CD5 ? D 8AD 1 CD5 
9  1 N 1 A 8AD 3014 ? CD7 ? D 8AD 1 CD7 
10 1 N 1 A 8AD 3014 ? CD8 ? D 8AD 1 CD8 
# 
loop_
_software.name 
_software.classification 
_software.version 
_software.citation_id 
_software.pdbx_ordinal 
SHELXL-97 refinement       . ? 1 
DENZO     'data reduction' . ? 2 
SCALEPACK 'data scaling'   . ? 3 
# 
_cell.entry_id           1FN2 
_cell.length_a           28.964 
_cell.length_b           52.620 
_cell.length_c           40.455 
_cell.angle_alpha        90.00 
_cell.angle_beta         90.00 
_cell.angle_gamma        90.00 
_cell.Z_PDB              8 
_cell.pdbx_unique_axis   ? 
# 
_symmetry.entry_id                         1FN2 
_symmetry.space_group_name_H-M             'C 2 2 2' 
_symmetry.pdbx_full_space_group_name_H-M   ? 
_symmetry.cell_setting                     orthorhombic 
_symmetry.Int_Tables_number                21 
# 
_exptl.entry_id          1FN2 
_exptl.method            'X-RAY DIFFRACTION' 
_exptl.crystals_number   1 
# 
_exptl_crystal.id                    1 
_exptl_crystal.density_meas          ? 
_exptl_crystal.density_percent_sol   48.5 
_exptl_crystal.density_Matthews      2.39 
_exptl_crystal.description           ? 
# 
_exptl_crystal_grow.crystal_id      1 
_exptl_crystal_grow.method          'VAPOR DIFFUSION, SITTING DROP' 
_exptl_crystal_grow.pH              6.5 
_exptl_crystal_grow.temp            285 
_exptl_crystal_grow.temp_details    ? 
_exptl_crystal_grow.pdbx_details    
'MPD, sodium cacodylate, magnesium acetate, cobalt(II) chloride, spermine., pH 6.5, VAPOR DIFFUSION, SITTING DROP, temperature 285K' 
_exptl_crystal_grow.pdbx_pH_range   ? 
# 
loop_
_exptl_crystal_grow_comp.crystal_id 
_exptl_crystal_grow_comp.id 
_exptl_crystal_grow_comp.sol_id 
_exptl_crystal_grow_comp.name 
_exptl_crystal_grow_comp.conc 
_exptl_crystal_grow_comp.volume 
_exptl_crystal_grow_comp.details 
1 1 1 'sodium cacodylate' ? ? ? 
1 2 1 'magnesium acetate' ? ? ? 
1 3 1 CoCl2               ? ? ? 
1 4 1 spermine            ? ? ? 
1 5 1 MPD                 ? ? ? 
1 6 2 MPD                 ? ? ? 
# 
_diffrn.id                     1 
_diffrn.ambient_temp           110 
_diffrn.ambient_temp_details   ? 
_diffrn.crystal_id             1 
# 
_diffrn_detector.diffrn_id              1 
_diffrn_detector.detector               'IMAGE PLATE' 
_diffrn_detector.type                   'RIGAKU RAXIS II' 
_diffrn_detector.pdbx_collection_date   1998-01-16 
_diffrn_detector.details                ? 
# 
_diffrn_radiation.diffrn_id                        1 
_diffrn_radiation.wavelength_id                    1 
_diffrn_radiation.monochromator                    ? 
_diffrn_radiation.pdbx_monochromatic_or_laue_m_l   M 
_diffrn_radiation.pdbx_diffrn_protocol             'SINGLE WAVELENGTH' 
_diffrn_radiation.pdbx_scattering_type             x-ray 
# 
_diffrn_radiation_wavelength.id           1 
_diffrn_radiation_wavelength.wavelength   1.5418 
_diffrn_radiation_wavelength.wt           1.0 
# 
_diffrn_source.diffrn_id                   1 
_diffrn_source.source                      'ROTATING ANODE' 
_diffrn_source.type                        'RIGAKU RU200' 
_diffrn_source.pdbx_wavelength             1.5418 
_diffrn_source.pdbx_synchrotron_site       ? 
_diffrn_source.pdbx_synchrotron_beamline   ? 
_diffrn_source.pdbx_wavelength_list        ? 
# 
_reflns.entry_id                     1FN2 
_reflns.observed_criterion_sigma_I   0.0 
_reflns.observed_criterion_sigma_F   0.0 
_reflns.d_resolution_low             50.0 
_reflns.d_resolution_high            1.60 
_reflns.number_obs                   4123 
_reflns.number_all                   4123 
_reflns.percent_possible_obs         95.4 
_reflns.pdbx_Rmerge_I_obs            0.0640000 
_reflns.pdbx_Rsym_value              ? 
_reflns.pdbx_netI_over_sigmaI        19.4 
_reflns.B_iso_Wilson_estimate        21.24 
_reflns.pdbx_redundancy              7.6 
_reflns.R_free_details               ? 
_reflns.pdbx_diffrn_id               1 
_reflns.pdbx_ordinal                 1 
# 
_reflns_shell.d_res_high             1.60 
_reflns_shell.d_res_low              1.66 
_reflns_shell.percent_possible_obs   ? 
_reflns_shell.percent_possible_all   88.5 
_reflns_shell.Rmerge_I_obs           0.2220000 
_reflns_shell.meanI_over_sigI_obs    3.76 
_reflns_shell.pdbx_Rsym_value        ? 
_reflns_shell.pdbx_redundancy        2.6 
_reflns_shell.number_unique_all      370 
_reflns_shell.pdbx_diffrn_id         ? 
_reflns_shell.pdbx_ordinal           1 
# 
_refine.entry_id                                 1FN2 
_refine.ls_number_reflns_obs                     4123 
_refine.ls_number_reflns_all                     4123 
_refine.pdbx_ls_sigma_I                          0.0 
_refine.pdbx_ls_sigma_F                          0.0 
_refine.pdbx_data_cutoff_high_absF               ? 
_refine.pdbx_data_cutoff_low_absF                ? 
_refine.ls_d_res_low                             40 
_refine.ls_d_res_high                            1.60 
_refine.ls_percent_reflns_obs                    92.8 
_refine.ls_R_factor_obs                          0.2510000 
_refine.ls_R_factor_all                          0.2510000 
_refine.ls_R_factor_R_work                       0.2480000 
_refine.ls_R_factor_R_free                       0.2970000 
_refine.ls_R_factor_R_free_error                 ? 
_refine.ls_R_factor_R_free_error_details         ? 
_refine.ls_percent_reflns_R_free                 8.3 
_refine.ls_number_reflns_R_free                  343 
_refine.ls_number_parameters                     1108 
_refine.ls_number_restraints                     2624 
_refine.occupancy_min                            ? 
_refine.occupancy_max                            ? 
_refine.B_iso_mean                               ? 
_refine.aniso_B[1][1]                            ? 
_refine.aniso_B[2][2]                            ? 
_refine.aniso_B[3][3]                            ? 
_refine.aniso_B[1][2]                            ? 
_refine.aniso_B[1][3]                            ? 
_refine.aniso_B[2][3]                            ? 
_refine.solvent_model_details                    'MOEWS & KRETSINGER, J.MOL.BIOL.91(1973)201-228' 
_refine.solvent_model_param_ksol                 ? 
_refine.solvent_model_param_bsol                 ? 
_refine.pdbx_ls_cross_valid_method               'FREE R' 
_refine.details                                  ? 
_refine.pdbx_starting_model                      ? 
_refine.pdbx_method_to_determine_struct          ? 
_refine.pdbx_isotropic_thermal_model             ? 
_refine.pdbx_stereochemistry_target_values       'Shelx 2000' 
_refine.pdbx_stereochem_target_val_spec_case     ? 
_refine.pdbx_R_Free_selection_details            Random 
_refine.pdbx_overall_ESU_R_Free                  ? 
_refine.overall_SU_B                             ? 
_refine.ls_redundancy_reflns_obs                 ? 
_refine.overall_SU_ML                            ? 
_refine.pdbx_overall_ESU_R                       ? 
_refine.pdbx_data_cutoff_high_rms_absF           ? 
_refine.correlation_coeff_Fo_to_Fc               ? 
_refine.correlation_coeff_Fo_to_Fc_free          ? 
_refine.overall_SU_R_Cruickshank_DPI             ? 
_refine.overall_SU_R_free                        ? 
_refine.pdbx_refine_id                           'X-RAY DIFFRACTION' 
_refine.pdbx_diffrn_id                           1 
_refine.pdbx_TLS_residual_ADP_flag               ? 
_refine.pdbx_solvent_vdw_probe_radii             ? 
_refine.pdbx_solvent_ion_probe_radii             ? 
_refine.pdbx_solvent_shrinkage_radii             ? 
_refine.pdbx_overall_phase_error                 ? 
_refine.pdbx_overall_SU_R_free_Cruickshank_DPI   ? 
_refine.pdbx_overall_SU_R_Blow_DPI               ? 
_refine.pdbx_overall_SU_R_free_Blow_DPI          ? 
# 
_refine_analyze.entry_id                        1FN2 
_refine_analyze.Luzzati_coordinate_error_obs    ? 
_refine_analyze.Luzzati_sigma_a_obs             ? 
_refine_analyze.Luzzati_d_res_low_obs           ? 
_refine_analyze.Luzzati_coordinate_error_free   ? 
_refine_analyze.Luzzati_sigma_a_free            ? 
_refine_analyze.Luzzati_d_res_low_free          ? 
_refine_analyze.number_disordered_residues      0 
_refine_analyze.occupancy_sum_hydrogen          0 
_refine_analyze.occupancy_sum_non_hydrogen      262.25 
_refine_analyze.pdbx_refine_id                  'X-RAY DIFFRACTION' 
# 
_refine_hist.pdbx_refine_id                   'X-RAY DIFFRACTION' 
_refine_hist.cycle_id                         LAST 
_refine_hist.pdbx_number_atoms_protein        0 
_refine_hist.pdbx_number_atoms_nucleic_acid   224 
_refine_hist.pdbx_number_atoms_ligand         18 
_refine_hist.number_atoms_solvent             31 
_refine_hist.number_atoms_total               273 
_refine_hist.d_res_high                       1.60 
_refine_hist.d_res_low                        40 
# 
loop_
_refine_ls_restr.type 
_refine_ls_restr.dev_ideal 
_refine_ls_restr.dev_ideal_target 
_refine_ls_restr.number 
_refine_ls_restr.weight 
_refine_ls_restr.pdbx_refine_id 
_refine_ls_restr.pdbx_restraint_function 
s_angle_d              0.012  ? ? ? 'X-RAY DIFFRACTION' ? 
s_bond_d               0.005  ? ? ? 'X-RAY DIFFRACTION' ? 
s_similar_dist         0.034  ? ? ? 'X-RAY DIFFRACTION' ? 
s_from_restr_planes    0.0109 ? ? ? 'X-RAY DIFFRACTION' ? 
s_zero_chiral_vol      0.000  ? ? ? 'X-RAY DIFFRACTION' ? 
s_non_zero_chiral_vol  0.004  ? ? ? 'X-RAY DIFFRACTION' ? 
s_anti_bump_dis_restr  0.005  ? ? ? 'X-RAY DIFFRACTION' ? 
s_rigid_bond_adp_cmpnt 0.000  ? ? ? 'X-RAY DIFFRACTION' ? 
s_similar_adp_cmpnt    0.068  ? ? ? 'X-RAY DIFFRACTION' ? 
s_approx_iso_adps      0.000  ? ? ? 'X-RAY DIFFRACTION' ? 
# 
_pdbx_refine.entry_id                                    1FN2 
_pdbx_refine.R_factor_all_no_cutoff                      ? 
_pdbx_refine.R_factor_obs_no_cutoff                      ? 
_pdbx_refine.free_R_factor_no_cutoff                     ? 
_pdbx_refine.free_R_val_test_set_size_perc_no_cutoff     ? 
_pdbx_refine.free_R_val_test_set_ct_no_cutoff            ? 
_pdbx_refine.R_factor_all_4sig_cutoff                    0.2380000 
_pdbx_refine.R_factor_obs_4sig_cutoff                    0.2360000 
_pdbx_refine.free_R_factor_4sig_cutoff                   0.2830000 
_pdbx_refine.free_R_val_test_set_size_perc_4sig_cutoff   8.7 
_pdbx_refine.free_R_val_test_set_ct_4sig_cutoff          299 
_pdbx_refine.number_reflns_obs_4sig_cutoff               3451 
_pdbx_refine.number_reflns_obs_no_cutoff                 ? 
_pdbx_refine.pdbx_refine_id                              'X-RAY DIFFRACTION' 
_pdbx_refine.free_R_error_no_cutoff                      ? 
# 
_struct.entry_id                  1FN2 
_struct.title                     '9-AMINO-(N-(2-DIMETHYLAMINO)BUTYL)ACRIDINE-4-CARBOXAMIDE BOUND TO D(CGTACG)2' 
_struct.pdbx_model_details        ? 
_struct.pdbx_CASP_flag            ? 
_struct.pdbx_model_type_details   ? 
# 
_struct_keywords.entry_id        1FN2 
_struct_keywords.pdbx_keywords   DNA 
_struct_keywords.text            'DNA, acridine-4-carboxamide, intercalation, quadruplex' 
# 
loop_
_struct_asym.id 
_struct_asym.pdbx_blank_PDB_chainid_flag 
_struct_asym.pdbx_modified 
_struct_asym.entity_id 
_struct_asym.details 
A N N 1 ? 
B N N 2 ? 
C N N 3 ? 
D N N 4 ? 
E N N 3 ? 
F N N 5 ? 
G N N 6 ? 
H N N 6 ? 
# 
loop_
_struct_ref.id 
_struct_ref.entity_id 
_struct_ref.db_name 
_struct_ref.db_code 
_struct_ref.pdbx_db_accession 
_struct_ref.pdbx_db_isoform 
_struct_ref.pdbx_seq_one_letter_code 
_struct_ref.pdbx_align_begin 
1 1 PDB 1FN2 1FN2 ? ? ? 
2 2 PDB 1FN2 1FN2 ? ? ? 
# 
loop_
_struct_ref_seq.align_id 
_struct_ref_seq.ref_id 
_struct_ref_seq.pdbx_PDB_id_code 
_struct_ref_seq.pdbx_strand_id 
_struct_ref_seq.seq_align_beg 
_struct_ref_seq.pdbx_seq_align_beg_ins_code 
_struct_ref_seq.seq_align_end 
_struct_ref_seq.pdbx_seq_align_end_ins_code 
_struct_ref_seq.pdbx_db_accession 
_struct_ref_seq.db_align_beg 
_struct_ref_seq.pdbx_db_align_beg_ins_code 
_struct_ref_seq.db_align_end 
_struct_ref_seq.pdbx_db_align_end_ins_code 
_struct_ref_seq.pdbx_auth_seq_align_beg 
_struct_ref_seq.pdbx_auth_seq_align_end 
1 1 1FN2 A 1 ? 5 ? 1FN2 1002 ? 1006 ? 1002 1006 
2 2 1FN2 B 1 ? 6 ? 1FN2 2001 ? 2006 ? 2001 2006 
# 
_pdbx_struct_assembly.id                   1 
_pdbx_struct_assembly.details              author_defined_assembly 
_pdbx_struct_assembly.method_details       ? 
_pdbx_struct_assembly.oligomeric_details   dimeric 
_pdbx_struct_assembly.oligomeric_count     2 
# 
_pdbx_struct_assembly_gen.assembly_id       1 
_pdbx_struct_assembly_gen.oper_expression   1 
_pdbx_struct_assembly_gen.asym_id_list      A,B,C,D,E,F,G,H 
# 
_pdbx_struct_oper_list.id                   1 
_pdbx_struct_oper_list.type                 'identity operation' 
_pdbx_struct_oper_list.name                 1_555 
_pdbx_struct_oper_list.symmetry_operation   x,y,z 
_pdbx_struct_oper_list.matrix[1][1]         1.0000000000 
_pdbx_struct_oper_list.matrix[1][2]         0.0000000000 
_pdbx_struct_oper_list.matrix[1][3]         0.0000000000 
_pdbx_struct_oper_list.vector[1]            0.0000000000 
_pdbx_struct_oper_list.matrix[2][1]         0.0000000000 
_pdbx_struct_oper_list.matrix[2][2]         1.0000000000 
_pdbx_struct_oper_list.matrix[2][3]         0.0000000000 
_pdbx_struct_oper_list.vector[2]            0.0000000000 
_pdbx_struct_oper_list.matrix[3][1]         0.0000000000 
_pdbx_struct_oper_list.matrix[3][2]         0.0000000000 
_pdbx_struct_oper_list.matrix[3][3]         1.0000000000 
_pdbx_struct_oper_list.vector[3]            0.0000000000 
# 
_struct_biol.id                    1 
_struct_biol.pdbx_parent_biol_id   ? 
_struct_biol.details               ? 
# 
loop_
_struct_conn.id 
_struct_conn.conn_type_id 
_struct_conn.pdbx_leaving_atom_flag 
_struct_conn.pdbx_PDB_id 
_struct_conn.ptnr1_label_asym_id 
_struct_conn.ptnr1_label_comp_id 
_struct_conn.ptnr1_label_seq_id 
_struct_conn.ptnr1_label_atom_id 
_struct_conn.pdbx_ptnr1_label_alt_id 
_struct_conn.pdbx_ptnr1_PDB_ins_code 
_struct_conn.pdbx_ptnr1_standard_comp_id 
_struct_conn.ptnr1_symmetry 
_struct_conn.ptnr2_label_asym_id 
_struct_conn.ptnr2_label_comp_id 
_struct_conn.ptnr2_label_seq_id 
_struct_conn.ptnr2_label_atom_id 
_struct_conn.pdbx_ptnr2_label_alt_id 
_struct_conn.pdbx_ptnr2_PDB_ins_code 
_struct_conn.ptnr1_auth_asym_id 
_struct_conn.ptnr1_auth_comp_id 
_struct_conn.ptnr1_auth_seq_id 
_struct_conn.ptnr2_auth_asym_id 
_struct_conn.ptnr2_auth_comp_id 
_struct_conn.ptnr2_auth_seq_id 
_struct_conn.ptnr2_symmetry 
_struct_conn.pdbx_ptnr3_label_atom_id 
_struct_conn.pdbx_ptnr3_label_seq_id 
_struct_conn.pdbx_ptnr3_label_comp_id 
_struct_conn.pdbx_ptnr3_label_asym_id 
_struct_conn.pdbx_ptnr3_label_alt_id 
_struct_conn.pdbx_ptnr3_PDB_ins_code 
_struct_conn.details 
_struct_conn.pdbx_dist_value 
_struct_conn.pdbx_value_order 
_struct_conn.pdbx_role 
metalc1  metalc ? ? A DG 1 N7  ? ? ? 1_555 C CO  . CO ? ? A DG 1002 A CO  4002 1_555 ? ? ? ? ? ? ?            2.145 ? ? 
metalc2  metalc ? ? C CO . CO  ? ? ? 1_555 G HOH . O  ? ? A CO 4002 A HOH 4022 1_555 ? ? ? ? ? ? ?            2.332 ? ? 
metalc3  metalc ? ? C CO . CO  ? ? ? 1_555 G HOH . O  ? ? A CO 4002 A HOH 4023 1_555 ? ? ? ? ? ? ?            2.393 ? ? 
metalc4  metalc ? ? C CO . CO  ? ? ? 1_555 G HOH . O  ? ? A CO 4002 A HOH 4026 1_555 ? ? ? ? ? ? ?            2.087 ? ? 
metalc5  metalc ? ? C CO . CO  ? ? ? 1_555 G HOH . O  ? ? A CO 4002 A HOH 4027 1_555 ? ? ? ? ? ? ?            2.050 ? ? 
metalc6  metalc ? ? C CO . CO  ? ? ? 1_555 G HOH . O  ? ? A CO 4002 A HOH 4028 1_555 ? ? ? ? ? ? ?            2.531 ? ? 
metalc7  metalc ? ? B DG 2 OP2 ? ? ? 1_555 F NA  . NA ? ? B DG 2002 B NA  4003 1_555 ? ? ? ? ? ? ?            2.516 ? ? 
metalc8  metalc ? ? B DG 2 OP2 ? ? ? 3_655 F NA  . NA ? ? B DG 2002 B NA  4003 1_555 ? ? ? ? ? ? ?            2.516 ? ? 
metalc9  metalc ? ? B DG 2 OP2 ? ? ? 4_565 F NA  . NA ? ? B DG 2002 B NA  4003 1_555 ? ? ? ? ? ? ?            2.516 ? ? 
metalc10 metalc ? ? B DG 2 OP2 ? ? ? 2_665 F NA  . NA ? ? B DG 2002 B NA  4003 1_555 ? ? ? ? ? ? ?            2.516 ? ? 
metalc11 metalc ? ? B DG 6 N7  ? ? ? 1_555 E CO  . CO ? ? B DG 2006 B CO  4001 1_555 ? ? ? ? ? ? ?            2.118 ? ? 
metalc12 metalc ? ? B DG 6 N7  ? ? ? 3_756 E CO  . CO ? ? B DG 2006 B CO  4001 1_555 ? ? ? ? ? ? ?            2.117 ? ? 
metalc13 metalc ? ? E CO . CO  ? ? ? 1_555 H HOH . O  ? ? B CO 4001 B HOH 4013 1_555 ? ? ? ? ? ? ?            1.956 ? ? 
metalc14 metalc ? ? E CO . CO  ? ? ? 1_555 H HOH . O  ? ? B CO 4001 B HOH 4013 3_756 ? ? ? ? ? ? ?            1.956 ? ? 
metalc15 metalc ? ? E CO . CO  ? ? ? 1_555 H HOH . O  ? ? B CO 4001 B HOH 4020 1_555 ? ? ? ? ? ? ?            2.167 ? ? 
metalc16 metalc ? ? E CO . CO  ? ? ? 1_555 H HOH . O  ? ? B CO 4001 B HOH 4020 3_756 ? ? ? ? ? ? ?            2.167 ? ? 
metalc17 metalc ? ? F NA . NA  ? ? ? 1_555 H HOH . O  ? ? B NA 4003 B HOH 4029 1_555 ? ? ? ? ? ? ?            2.197 ? ? 
metalc18 metalc ? ? F NA . NA  ? ? ? 1_555 H HOH . O  ? ? B NA 4003 B HOH 4029 3_655 ? ? ? ? ? ? ?            2.197 ? ? 
metalc19 metalc ? ? F NA . NA  ? ? ? 1_555 H HOH . O  ? ? B NA 4003 B HOH 4029 4_565 ? ? ? ? ? ? ?            2.197 ? ? 
metalc20 metalc ? ? F NA . NA  ? ? ? 1_555 H HOH . O  ? ? B NA 4003 B HOH 4029 2_665 ? ? ? ? ? ? ?            2.197 ? ? 
hydrog1  hydrog ? ? A DG 1 N1  ? ? ? 1_555 B DC  5 N3 ? ? A DG 1002 B DC  2005 1_555 ? ? ? ? ? ? WATSON-CRICK ?     ? ? 
hydrog2  hydrog ? ? A DG 1 N2  ? ? ? 1_555 B DC  5 O2 ? ? A DG 1002 B DC  2005 1_555 ? ? ? ? ? ? WATSON-CRICK ?     ? ? 
hydrog3  hydrog ? ? A DG 1 O6  ? ? ? 1_555 B DC  5 N4 ? ? A DG 1002 B DC  2005 1_555 ? ? ? ? ? ? WATSON-CRICK ?     ? ? 
hydrog4  hydrog ? ? A DT 2 N3  ? ? ? 1_555 B DA  4 N1 ? ? A DT 1003 B DA  2004 1_555 ? ? ? ? ? ? WATSON-CRICK ?     ? ? 
hydrog5  hydrog ? ? A DT 2 O4  ? ? ? 1_555 B DA  4 N6 ? ? A DT 1003 B DA  2004 1_555 ? ? ? ? ? ? WATSON-CRICK ?     ? ? 
hydrog6  hydrog ? ? A DA 3 N1  ? ? ? 1_555 B DT  3 N3 ? ? A DA 1004 B DT  2003 1_555 ? ? ? ? ? ? WATSON-CRICK ?     ? ? 
hydrog7  hydrog ? ? A DA 3 N6  ? ? ? 1_555 B DT  3 O4 ? ? A DA 1004 B DT  2003 1_555 ? ? ? ? ? ? WATSON-CRICK ?     ? ? 
hydrog8  hydrog ? ? A DC 4 N3  ? ? ? 1_555 B DG  2 N1 ? ? A DC 1005 B DG  2002 1_555 ? ? ? ? ? ? WATSON-CRICK ?     ? ? 
hydrog9  hydrog ? ? A DC 4 N4  ? ? ? 1_555 B DG  2 O6 ? ? A DC 1005 B DG  2002 1_555 ? ? ? ? ? ? WATSON-CRICK ?     ? ? 
hydrog10 hydrog ? ? A DC 4 O2  ? ? ? 1_555 B DG  2 N2 ? ? A DC 1005 B DG  2002 1_555 ? ? ? ? ? ? WATSON-CRICK ?     ? ? 
# 
loop_
_struct_conn_type.id 
_struct_conn_type.criteria 
_struct_conn_type.reference 
metalc ? ? 
hydrog ? ? 
# 
loop_
_pdbx_struct_conn_angle.id 
_pdbx_struct_conn_angle.ptnr1_label_atom_id 
_pdbx_struct_conn_angle.ptnr1_label_alt_id 
_pdbx_struct_conn_angle.ptnr1_label_asym_id 
_pdbx_struct_conn_angle.ptnr1_label_comp_id 
_pdbx_struct_conn_angle.ptnr1_label_seq_id 
_pdbx_struct_conn_angle.ptnr1_auth_atom_id 
_pdbx_struct_conn_angle.ptnr1_auth_asym_id 
_pdbx_struct_conn_angle.ptnr1_auth_comp_id 
_pdbx_struct_conn_angle.ptnr1_auth_seq_id 
_pdbx_struct_conn_angle.ptnr1_PDB_ins_code 
_pdbx_struct_conn_angle.ptnr1_symmetry 
_pdbx_struct_conn_angle.ptnr2_label_atom_id 
_pdbx_struct_conn_angle.ptnr2_label_alt_id 
_pdbx_struct_conn_angle.ptnr2_label_asym_id 
_pdbx_struct_conn_angle.ptnr2_label_comp_id 
_pdbx_struct_conn_angle.ptnr2_label_seq_id 
_pdbx_struct_conn_angle.ptnr2_auth_atom_id 
_pdbx_struct_conn_angle.ptnr2_auth_asym_id 
_pdbx_struct_conn_angle.ptnr2_auth_comp_id 
_pdbx_struct_conn_angle.ptnr2_auth_seq_id 
_pdbx_struct_conn_angle.ptnr2_PDB_ins_code 
_pdbx_struct_conn_angle.ptnr2_symmetry 
_pdbx_struct_conn_angle.ptnr3_label_atom_id 
_pdbx_struct_conn_angle.ptnr3_label_alt_id 
_pdbx_struct_conn_angle.ptnr3_label_asym_id 
_pdbx_struct_conn_angle.ptnr3_label_comp_id 
_pdbx_struct_conn_angle.ptnr3_label_seq_id 
_pdbx_struct_conn_angle.ptnr3_auth_atom_id 
_pdbx_struct_conn_angle.ptnr3_auth_asym_id 
_pdbx_struct_conn_angle.ptnr3_auth_comp_id 
_pdbx_struct_conn_angle.ptnr3_auth_seq_id 
_pdbx_struct_conn_angle.ptnr3_PDB_ins_code 
_pdbx_struct_conn_angle.ptnr3_symmetry 
_pdbx_struct_conn_angle.value 
_pdbx_struct_conn_angle.value_esd 
1  N7  ? A DG  1 ? A DG  1002 ? 1_555 CO ? C CO . ? A CO 4002 ? 1_555 O   ? G HOH . ? A HOH 4022 ? 1_555 84.1  ? 
2  N7  ? A DG  1 ? A DG  1002 ? 1_555 CO ? C CO . ? A CO 4002 ? 1_555 O   ? G HOH . ? A HOH 4023 ? 1_555 84.7  ? 
3  O   ? G HOH . ? A HOH 4022 ? 1_555 CO ? C CO . ? A CO 4002 ? 1_555 O   ? G HOH . ? A HOH 4023 ? 1_555 81.4  ? 
4  N7  ? A DG  1 ? A DG  1002 ? 1_555 CO ? C CO . ? A CO 4002 ? 1_555 O   ? G HOH . ? A HOH 4026 ? 1_555 90.5  ? 
5  O   ? G HOH . ? A HOH 4022 ? 1_555 CO ? C CO . ? A CO 4002 ? 1_555 O   ? G HOH . ? A HOH 4026 ? 1_555 93.0  ? 
6  O   ? G HOH . ? A HOH 4023 ? 1_555 CO ? C CO . ? A CO 4002 ? 1_555 O   ? G HOH . ? A HOH 4026 ? 1_555 172.9 ? 
7  N7  ? A DG  1 ? A DG  1002 ? 1_555 CO ? C CO . ? A CO 4002 ? 1_555 O   ? G HOH . ? A HOH 4027 ? 1_555 159.8 ? 
8  O   ? G HOH . ? A HOH 4022 ? 1_555 CO ? C CO . ? A CO 4002 ? 1_555 O   ? G HOH . ? A HOH 4027 ? 1_555 107.9 ? 
9  O   ? G HOH . ? A HOH 4023 ? 1_555 CO ? C CO . ? A CO 4002 ? 1_555 O   ? G HOH . ? A HOH 4027 ? 1_555 81.3  ? 
10 O   ? G HOH . ? A HOH 4026 ? 1_555 CO ? C CO . ? A CO 4002 ? 1_555 O   ? G HOH . ? A HOH 4027 ? 1_555 104.7 ? 
11 N7  ? A DG  1 ? A DG  1002 ? 1_555 CO ? C CO . ? A CO 4002 ? 1_555 O   ? G HOH . ? A HOH 4028 ? 1_555 91.1  ? 
12 O   ? G HOH . ? A HOH 4022 ? 1_555 CO ? C CO . ? A CO 4002 ? 1_555 O   ? G HOH . ? A HOH 4028 ? 1_555 174.4 ? 
13 O   ? G HOH . ? A HOH 4023 ? 1_555 CO ? C CO . ? A CO 4002 ? 1_555 O   ? G HOH . ? A HOH 4028 ? 1_555 101.0 ? 
14 O   ? G HOH . ? A HOH 4026 ? 1_555 CO ? C CO . ? A CO 4002 ? 1_555 O   ? G HOH . ? A HOH 4028 ? 1_555 84.3  ? 
15 O   ? G HOH . ? A HOH 4027 ? 1_555 CO ? C CO . ? A CO 4002 ? 1_555 O   ? G HOH . ? A HOH 4028 ? 1_555 77.5  ? 
16 OP2 ? B DG  2 ? B DG  2002 ? 1_555 NA ? F NA . ? B NA 4003 ? 1_555 OP2 ? B DG  2 ? B DG  2002 ? 3_655 102.0 ? 
17 OP2 ? B DG  2 ? B DG  2002 ? 1_555 NA ? F NA . ? B NA 4003 ? 1_555 OP2 ? B DG  2 ? B DG  2002 ? 4_565 78.1  ? 
18 OP2 ? B DG  2 ? B DG  2002 ? 3_655 NA ? F NA . ? B NA 4003 ? 1_555 OP2 ? B DG  2 ? B DG  2002 ? 4_565 175.9 ? 
19 OP2 ? B DG  2 ? B DG  2002 ? 1_555 NA ? F NA . ? B NA 4003 ? 1_555 OP2 ? B DG  2 ? B DG  2002 ? 2_665 175.9 ? 
20 OP2 ? B DG  2 ? B DG  2002 ? 3_655 NA ? F NA . ? B NA 4003 ? 1_555 OP2 ? B DG  2 ? B DG  2002 ? 2_665 78.1  ? 
21 OP2 ? B DG  2 ? B DG  2002 ? 4_565 NA ? F NA . ? B NA 4003 ? 1_555 OP2 ? B DG  2 ? B DG  2002 ? 2_665 102.0 ? 
22 OP2 ? B DG  2 ? B DG  2002 ? 1_555 NA ? F NA . ? B NA 4003 ? 1_555 O   ? H HOH . ? B HOH 4029 ? 1_555 70.4  ? 
23 OP2 ? B DG  2 ? B DG  2002 ? 3_655 NA ? F NA . ? B NA 4003 ? 1_555 O   ? H HOH . ? B HOH 4029 ? 1_555 103.0 ? 
24 OP2 ? B DG  2 ? B DG  2002 ? 4_565 NA ? F NA . ? B NA 4003 ? 1_555 O   ? H HOH . ? B HOH 4029 ? 1_555 80.9  ? 
25 OP2 ? B DG  2 ? B DG  2002 ? 2_665 NA ? F NA . ? B NA 4003 ? 1_555 O   ? H HOH . ? B HOH 4029 ? 1_555 105.6 ? 
26 OP2 ? B DG  2 ? B DG  2002 ? 1_555 NA ? F NA . ? B NA 4003 ? 1_555 O   ? H HOH . ? B HOH 4029 ? 3_655 103.0 ? 
27 OP2 ? B DG  2 ? B DG  2002 ? 3_655 NA ? F NA . ? B NA 4003 ? 1_555 O   ? H HOH . ? B HOH 4029 ? 3_655 70.4  ? 
28 OP2 ? B DG  2 ? B DG  2002 ? 4_565 NA ? F NA . ? B NA 4003 ? 1_555 O   ? H HOH . ? B HOH 4029 ? 3_655 105.6 ? 
29 OP2 ? B DG  2 ? B DG  2002 ? 2_665 NA ? F NA . ? B NA 4003 ? 1_555 O   ? H HOH . ? B HOH 4029 ? 3_655 80.9  ? 
30 O   ? H HOH . ? B HOH 4029 ? 1_555 NA ? F NA . ? B NA 4003 ? 1_555 O   ? H HOH . ? B HOH 4029 ? 3_655 169.9 ? 
31 OP2 ? B DG  2 ? B DG  2002 ? 1_555 NA ? F NA . ? B NA 4003 ? 1_555 O   ? H HOH . ? B HOH 4029 ? 4_565 80.9  ? 
32 OP2 ? B DG  2 ? B DG  2002 ? 3_655 NA ? F NA . ? B NA 4003 ? 1_555 O   ? H HOH . ? B HOH 4029 ? 4_565 105.6 ? 
33 OP2 ? B DG  2 ? B DG  2002 ? 4_565 NA ? F NA . ? B NA 4003 ? 1_555 O   ? H HOH . ? B HOH 4029 ? 4_565 70.4  ? 
34 OP2 ? B DG  2 ? B DG  2002 ? 2_665 NA ? F NA . ? B NA 4003 ? 1_555 O   ? H HOH . ? B HOH 4029 ? 4_565 103.0 ? 
35 O   ? H HOH . ? B HOH 4029 ? 1_555 NA ? F NA . ? B NA 4003 ? 1_555 O   ? H HOH . ? B HOH 4029 ? 4_565 142.9 ? 
36 O   ? H HOH . ? B HOH 4029 ? 3_655 NA ? F NA . ? B NA 4003 ? 1_555 O   ? H HOH . ? B HOH 4029 ? 4_565 38.5  ? 
37 OP2 ? B DG  2 ? B DG  2002 ? 1_555 NA ? F NA . ? B NA 4003 ? 1_555 O   ? H HOH . ? B HOH 4029 ? 2_665 105.6 ? 
38 OP2 ? B DG  2 ? B DG  2002 ? 3_655 NA ? F NA . ? B NA 4003 ? 1_555 O   ? H HOH . ? B HOH 4029 ? 2_665 80.9  ? 
39 OP2 ? B DG  2 ? B DG  2002 ? 4_565 NA ? F NA . ? B NA 4003 ? 1_555 O   ? H HOH . ? B HOH 4029 ? 2_665 103.0 ? 
40 OP2 ? B DG  2 ? B DG  2002 ? 2_665 NA ? F NA . ? B NA 4003 ? 1_555 O   ? H HOH . ? B HOH 4029 ? 2_665 70.4  ? 
41 O   ? H HOH . ? B HOH 4029 ? 1_555 NA ? F NA . ? B NA 4003 ? 1_555 O   ? H HOH . ? B HOH 4029 ? 2_665 38.5  ? 
42 O   ? H HOH . ? B HOH 4029 ? 3_655 NA ? F NA . ? B NA 4003 ? 1_555 O   ? H HOH . ? B HOH 4029 ? 2_665 142.9 ? 
43 O   ? H HOH . ? B HOH 4029 ? 4_565 NA ? F NA . ? B NA 4003 ? 1_555 O   ? H HOH . ? B HOH 4029 ? 2_665 169.9 ? 
44 N7  ? B DG  6 ? B DG  2006 ? 1_555 CO ? E CO . ? B CO 4001 ? 1_555 N7  ? B DG  6 ? B DG  2006 ? 3_756 174.7 ? 
45 N7  ? B DG  6 ? B DG  2006 ? 1_555 CO ? E CO . ? B CO 4001 ? 1_555 O   ? H HOH . ? B HOH 4013 ? 1_555 90.3  ? 
46 N7  ? B DG  6 ? B DG  2006 ? 3_756 CO ? E CO . ? B CO 4001 ? 1_555 O   ? H HOH . ? B HOH 4013 ? 1_555 86.7  ? 
47 N7  ? B DG  6 ? B DG  2006 ? 1_555 CO ? E CO . ? B CO 4001 ? 1_555 O   ? H HOH . ? B HOH 4013 ? 3_756 86.7  ? 
48 N7  ? B DG  6 ? B DG  2006 ? 3_756 CO ? E CO . ? B CO 4001 ? 1_555 O   ? H HOH . ? B HOH 4013 ? 3_756 90.3  ? 
49 O   ? H HOH . ? B HOH 4013 ? 1_555 CO ? E CO . ? B CO 4001 ? 1_555 O   ? H HOH . ? B HOH 4013 ? 3_756 111.4 ? 
50 N7  ? B DG  6 ? B DG  2006 ? 1_555 CO ? E CO . ? B CO 4001 ? 1_555 O   ? H HOH . ? B HOH 4020 ? 1_555 92.3  ? 
51 N7  ? B DG  6 ? B DG  2006 ? 3_756 CO ? E CO . ? B CO 4001 ? 1_555 O   ? H HOH . ? B HOH 4020 ? 1_555 92.1  ? 
52 O   ? H HOH . ? B HOH 4013 ? 1_555 CO ? E CO . ? B CO 4001 ? 1_555 O   ? H HOH . ? B HOH 4020 ? 1_555 158.6 ? 
53 O   ? H HOH . ? B HOH 4013 ? 3_756 CO ? E CO . ? B CO 4001 ? 1_555 O   ? H HOH . ? B HOH 4020 ? 1_555 90.0  ? 
54 N7  ? B DG  6 ? B DG  2006 ? 1_555 CO ? E CO . ? B CO 4001 ? 1_555 O   ? H HOH . ? B HOH 4020 ? 3_756 92.1  ? 
55 N7  ? B DG  6 ? B DG  2006 ? 3_756 CO ? E CO . ? B CO 4001 ? 1_555 O   ? H HOH . ? B HOH 4020 ? 3_756 92.3  ? 
56 O   ? H HOH . ? B HOH 4013 ? 1_555 CO ? E CO . ? B CO 4001 ? 1_555 O   ? H HOH . ? B HOH 4020 ? 3_756 90.0  ? 
57 O   ? H HOH . ? B HOH 4013 ? 3_756 CO ? E CO . ? B CO 4001 ? 1_555 O   ? H HOH . ? B HOH 4020 ? 3_756 158.6 ? 
58 O   ? H HOH . ? B HOH 4020 ? 1_555 CO ? E CO . ? B CO 4001 ? 1_555 O   ? H HOH . ? B HOH 4020 ? 3_756 68.7  ? 
# 
loop_
_struct_site.id 
_struct_site.pdbx_evidence_code 
_struct_site.pdbx_auth_asym_id 
_struct_site.pdbx_auth_comp_id 
_struct_site.pdbx_auth_seq_id 
_struct_site.pdbx_auth_ins_code 
_struct_site.pdbx_num_residues 
_struct_site.details 
AC1 Software B CO  4001 ? 6 'BINDING SITE FOR RESIDUE CO B 4001'  
AC2 Software A CO  4002 ? 6 'BINDING SITE FOR RESIDUE CO A 4002'  
AC3 Software B NA  4003 ? 8 'BINDING SITE FOR RESIDUE NA B 4003'  
AC4 Software A 8AD 3014 ? 4 'BINDING SITE FOR RESIDUE 8AD A 3014' 
1   ?        ? ?   ?    ? ? ?                                     
# 
loop_
_struct_site_gen.id 
_struct_site_gen.site_id 
_struct_site_gen.pdbx_num_res 
_struct_site_gen.label_comp_id 
_struct_site_gen.label_asym_id 
_struct_site_gen.label_seq_id 
_struct_site_gen.pdbx_auth_ins_code 
_struct_site_gen.auth_comp_id 
_struct_site_gen.auth_asym_id 
_struct_site_gen.auth_seq_id 
_struct_site_gen.label_atom_id 
_struct_site_gen.label_alt_id 
_struct_site_gen.symmetry 
_struct_site_gen.details 
1  AC1 6 DG  B 6 ? DG  B 2006 . ? 1_555 ? 
2  AC1 6 DG  B 6 ? DG  B 2006 . ? 3_756 ? 
3  AC1 6 HOH H . ? HOH B 4013 . ? 1_555 ? 
4  AC1 6 HOH H . ? HOH B 4013 . ? 3_756 ? 
5  AC1 6 HOH H . ? HOH B 4020 . ? 3_756 ? 
6  AC1 6 HOH H . ? HOH B 4020 . ? 1_555 ? 
7  AC2 6 DG  A 1 ? DG  A 1002 . ? 1_555 ? 
8  AC2 6 HOH G . ? HOH A 4022 . ? 1_555 ? 
9  AC2 6 HOH G . ? HOH A 4023 . ? 1_555 ? 
10 AC2 6 HOH G . ? HOH A 4026 . ? 1_555 ? 
11 AC2 6 HOH G . ? HOH A 4027 . ? 1_555 ? 
12 AC2 6 HOH G . ? HOH A 4028 . ? 1_555 ? 
13 AC3 8 DG  B 2 ? DG  B 2002 . ? 2_665 ? 
14 AC3 8 DG  B 2 ? DG  B 2002 . ? 3_655 ? 
15 AC3 8 DG  B 2 ? DG  B 2002 . ? 1_555 ? 
16 AC3 8 DG  B 2 ? DG  B 2002 . ? 4_565 ? 
17 AC3 8 HOH H . ? HOH B 4029 . ? 4_565 ? 
18 AC3 8 HOH H . ? HOH B 4029 . ? 1_555 ? 
19 AC3 8 HOH H . ? HOH B 4029 . ? 2_665 ? 
20 AC3 8 HOH H . ? HOH B 4029 . ? 3_655 ? 
21 AC4 4 DC  A 4 ? DC  A 1005 . ? 1_555 ? 
22 AC4 4 DG  A 5 ? DG  A 1006 . ? 1_555 ? 
23 AC4 4 DC  B 1 ? DC  B 2001 . ? 3_655 ? 
24 AC4 4 DG  B 2 ? DG  B 2002 . ? 1_555 ? 
# 
loop_
_pdbx_validate_rmsd_bond.id 
_pdbx_validate_rmsd_bond.PDB_model_num 
_pdbx_validate_rmsd_bond.auth_atom_id_1 
_pdbx_validate_rmsd_bond.auth_asym_id_1 
_pdbx_validate_rmsd_bond.auth_comp_id_1 
_pdbx_validate_rmsd_bond.auth_seq_id_1 
_pdbx_validate_rmsd_bond.PDB_ins_code_1 
_pdbx_validate_rmsd_bond.label_alt_id_1 
_pdbx_validate_rmsd_bond.auth_atom_id_2 
_pdbx_validate_rmsd_bond.auth_asym_id_2 
_pdbx_validate_rmsd_bond.auth_comp_id_2 
_pdbx_validate_rmsd_bond.auth_seq_id_2 
_pdbx_validate_rmsd_bond.PDB_ins_code_2 
_pdbx_validate_rmsd_bond.label_alt_id_2 
_pdbx_validate_rmsd_bond.bond_value 
_pdbx_validate_rmsd_bond.bond_target_value 
_pdbx_validate_rmsd_bond.bond_deviation 
_pdbx_validate_rmsd_bond.bond_standard_deviation 
_pdbx_validate_rmsd_bond.linker_flag 
1  1 "C4'" A DG 1002 ? ? "C3'" A DG 1002 ? ? 1.624 1.529 0.095 0.010 N 
2  1 "C4'" A DT 1003 ? ? "C3'" A DT 1003 ? ? 1.625 1.529 0.096 0.010 N 
3  1 "O4'" A DT 1003 ? ? "C1'" A DT 1003 ? ? 1.486 1.420 0.066 0.011 N 
4  1 "C4'" A DA 1004 ? ? "C3'" A DA 1004 ? ? 1.619 1.529 0.090 0.010 N 
5  1 "C4'" A DC 1005 ? ? "C3'" A DC 1005 ? ? 1.621 1.529 0.092 0.010 N 
6  1 "C4'" A DG 1006 ? ? "C3'" A DG 1006 ? ? 1.630 1.529 0.101 0.010 N 
7  1 "C4'" B DC 2001 ? ? "C3'" B DC 2001 ? ? 1.619 1.529 0.090 0.010 N 
8  1 "C4'" B DG 2002 ? ? "C3'" B DG 2002 ? ? 1.627 1.529 0.098 0.010 N 
9  1 "C4'" B DT 2003 ? ? "C3'" B DT 2003 ? ? 1.622 1.529 0.093 0.010 N 
10 1 "C4'" B DA 2004 ? ? "C3'" B DA 2004 ? ? 1.612 1.529 0.083 0.010 N 
11 1 "O3'" B DA 2004 ? ? P     B DC 2005 ? ? 1.685 1.607 0.078 0.012 Y 
12 1 "C4'" B DC 2005 ? ? "C3'" B DC 2005 ? ? 1.619 1.529 0.090 0.010 N 
13 1 "C4'" B DG 2006 ? ? "C3'" B DG 2006 ? ? 1.618 1.529 0.089 0.010 N 
# 
loop_
_pdbx_validate_rmsd_angle.id 
_pdbx_validate_rmsd_angle.PDB_model_num 
_pdbx_validate_rmsd_angle.auth_atom_id_1 
_pdbx_validate_rmsd_angle.auth_asym_id_1 
_pdbx_validate_rmsd_angle.auth_comp_id_1 
_pdbx_validate_rmsd_angle.auth_seq_id_1 
_pdbx_validate_rmsd_angle.PDB_ins_code_1 
_pdbx_validate_rmsd_angle.label_alt_id_1 
_pdbx_validate_rmsd_angle.auth_atom_id_2 
_pdbx_validate_rmsd_angle.auth_asym_id_2 
_pdbx_validate_rmsd_angle.auth_comp_id_2 
_pdbx_validate_rmsd_angle.auth_seq_id_2 
_pdbx_validate_rmsd_angle.PDB_ins_code_2 
_pdbx_validate_rmsd_angle.label_alt_id_2 
_pdbx_validate_rmsd_angle.auth_atom_id_3 
_pdbx_validate_rmsd_angle.auth_asym_id_3 
_pdbx_validate_rmsd_angle.auth_comp_id_3 
_pdbx_validate_rmsd_angle.auth_seq_id_3 
_pdbx_validate_rmsd_angle.PDB_ins_code_3 
_pdbx_validate_rmsd_angle.label_alt_id_3 
_pdbx_validate_rmsd_angle.angle_value 
_pdbx_validate_rmsd_angle.angle_target_value 
_pdbx_validate_rmsd_angle.angle_deviation 
_pdbx_validate_rmsd_angle.angle_standard_deviation 
_pdbx_validate_rmsd_angle.linker_flag 
1  1 P     A DG 1002 ? ? "O5'" A DG 1002 ? ? "C5'" A DG 1002 ? ? 109.84 120.90 -11.06 1.60 N 
2  1 "O4'" A DG 1002 ? ? "C4'" A DG 1002 ? ? "C3'" A DG 1002 ? ? 99.11  104.50 -5.39  0.40 N 
3  1 "C3'" A DG 1002 ? ? "O3'" A DG 1002 ? ? P     A DT 1003 ? ? 110.07 119.70 -9.63  1.20 Y 
4  1 "O4'" A DT 1003 ? ? "C4'" A DT 1003 ? ? "C3'" A DT 1003 ? ? 100.33 104.50 -4.17  0.40 N 
5  1 "C4'" A DT 1003 ? ? "C3'" A DT 1003 ? ? "C2'" A DT 1003 ? ? 109.68 103.10 6.58   0.90 N 
6  1 "O4'" A DT 1003 ? ? "C1'" A DT 1003 ? ? N1    A DT 1003 ? ? 102.87 108.00 -5.13  0.70 N 
7  1 "O5'" A DA 1004 ? ? P     A DA 1004 ? ? OP2   A DA 1004 ? ? 99.44  105.70 -6.26  0.90 N 
8  1 "O5'" A DA 1004 ? ? "C5'" A DA 1004 ? ? "C4'" A DA 1004 ? ? 101.59 109.40 -7.81  0.80 N 
9  1 P     A DC 1005 ? ? "O5'" A DC 1005 ? ? "C5'" A DC 1005 ? ? 110.17 120.90 -10.73 1.60 N 
10 1 "O4'" A DC 1005 ? ? "C4'" A DC 1005 ? ? "C3'" A DC 1005 ? ? 101.68 104.50 -2.82  0.40 N 
11 1 "C4'" A DC 1005 ? ? "C3'" A DC 1005 ? ? "C2'" A DC 1005 ? ? 108.90 103.10 5.80   0.90 N 
12 1 "C3'" A DC 1005 ? ? "O3'" A DC 1005 ? ? P     A DG 1006 ? ? 111.55 119.70 -8.15  1.20 Y 
13 1 "O4'" A DG 1006 ? ? "C4'" A DG 1006 ? ? "C3'" A DG 1006 ? ? 99.95  104.50 -4.55  0.40 N 
14 1 "O4'" B DC 2001 ? ? "C4'" B DC 2001 ? ? "C3'" B DC 2001 ? ? 101.82 104.50 -2.68  0.40 N 
15 1 "O4'" B DC 2001 ? ? "C1'" B DC 2001 ? ? N1    B DC 2001 ? ? 101.77 108.00 -6.23  0.70 N 
16 1 "O5'" B DG 2002 ? ? "C5'" B DG 2002 ? ? "C4'" B DG 2002 ? ? 104.03 109.40 -5.37  0.80 N 
17 1 P     B DG 2002 ? ? "O5'" B DG 2002 ? ? "C5'" B DG 2002 ? ? 97.82  120.90 -23.08 1.60 N 
18 1 "O4'" B DG 2002 ? ? "C4'" B DG 2002 ? ? "C3'" B DG 2002 ? ? 100.97 104.50 -3.53  0.40 N 
19 1 "O5'" B DT 2003 ? ? "C5'" B DT 2003 ? ? "C4'" B DT 2003 ? ? 104.54 109.40 -4.86  0.80 N 
20 1 "O4'" B DT 2003 ? ? "C4'" B DT 2003 ? ? "C3'" B DT 2003 ? ? 101.81 104.50 -2.69  0.40 N 
21 1 P     B DA 2004 ? ? "O5'" B DA 2004 ? ? "C5'" B DA 2004 ? ? 110.56 120.90 -10.34 1.60 N 
22 1 "O4'" B DA 2004 ? ? "C4'" B DA 2004 ? ? "C3'" B DA 2004 ? ? 101.94 104.50 -2.56  0.40 N 
23 1 "O4'" B DC 2005 ? ? "C4'" B DC 2005 ? ? "C3'" B DC 2005 ? ? 101.27 104.50 -3.23  0.40 N 
24 1 "O4'" B DG 2006 ? ? "C4'" B DG 2006 ? ? "C3'" B DG 2006 ? ? 101.83 104.50 -2.67  0.40 N 
# 
_struct_site_keywords.site_id   1 
_struct_site_keywords.text      INTERCALATION 
# 
loop_
_pdbx_struct_special_symmetry.id 
_pdbx_struct_special_symmetry.PDB_model_num 
_pdbx_struct_special_symmetry.auth_asym_id 
_pdbx_struct_special_symmetry.auth_comp_id 
_pdbx_struct_special_symmetry.auth_seq_id 
_pdbx_struct_special_symmetry.PDB_ins_code 
_pdbx_struct_special_symmetry.label_asym_id 
_pdbx_struct_special_symmetry.label_comp_id 
_pdbx_struct_special_symmetry.label_seq_id 
1 1 B CO  4001 ? E CO  . 
2 1 B NA  4003 ? F NA  . 
3 1 A HOH 4017 ? G HOH . 
4 1 B HOH 4005 ? H HOH . 
# 
loop_
_chem_comp_atom.comp_id 
_chem_comp_atom.atom_id 
_chem_comp_atom.type_symbol 
_chem_comp_atom.pdbx_aromatic_flag 
_chem_comp_atom.pdbx_stereo_config 
_chem_comp_atom.pdbx_ordinal 
8AD C1     C  Y N 1   
8AD C2     C  Y N 2   
8AD C3     C  Y N 3   
8AD C4     C  Y N 4   
8AD C5     C  Y N 5   
8AD C6     C  Y N 6   
8AD C7     C  Y N 7   
8AD C8     C  Y N 8   
8AD C9     C  Y N 9   
8AD N10    N  Y N 10  
8AD C11    C  Y N 11  
8AD C12    C  Y N 12  
8AD C13    C  Y N 13  
8AD C14    C  Y N 14  
8AD N9     N  N N 15  
8AD CD1    C  N N 16  
8AD OD1    O  N N 17  
8AD ND1    N  N N 18  
8AD ND2    N  N N 19  
8AD CD2    C  N N 20  
8AD CD3    C  N N 21  
8AD CD4    C  N N 22  
8AD CD5    C  N N 23  
8AD CD7    C  N N 24  
8AD CD8    C  N N 25  
8AD H1     H  N N 26  
8AD H2     H  N N 27  
8AD H3     H  N N 28  
8AD H5     H  N N 29  
8AD H6     H  N N 30  
8AD H7     H  N N 31  
8AD H8     H  N N 32  
8AD H9A    H  N N 33  
8AD H9B    H  N N 34  
8AD HD1    H  N N 35  
8AD HD21   H  N N 36  
8AD HD22   H  N N 37  
8AD HD31   H  N N 38  
8AD HD32   H  N N 39  
8AD HD41   H  N N 40  
8AD HD42   H  N N 41  
8AD HD51   H  N N 42  
8AD HD52   H  N N 43  
8AD HD71   H  N N 44  
8AD HD72   H  N N 45  
8AD HD73   H  N N 46  
8AD HD81   H  N N 47  
8AD HD82   H  N N 48  
8AD HD83   H  N N 49  
CO  CO     CO N N 50  
DA  OP3    O  N N 51  
DA  P      P  N N 52  
DA  OP1    O  N N 53  
DA  OP2    O  N N 54  
DA  "O5'"  O  N N 55  
DA  "C5'"  C  N N 56  
DA  "C4'"  C  N R 57  
DA  "O4'"  O  N N 58  
DA  "C3'"  C  N S 59  
DA  "O3'"  O  N N 60  
DA  "C2'"  C  N N 61  
DA  "C1'"  C  N R 62  
DA  N9     N  Y N 63  
DA  C8     C  Y N 64  
DA  N7     N  Y N 65  
DA  C5     C  Y N 66  
DA  C6     C  Y N 67  
DA  N6     N  N N 68  
DA  N1     N  Y N 69  
DA  C2     C  Y N 70  
DA  N3     N  Y N 71  
DA  C4     C  Y N 72  
DA  HOP3   H  N N 73  
DA  HOP2   H  N N 74  
DA  "H5'"  H  N N 75  
DA  "H5''" H  N N 76  
DA  "H4'"  H  N N 77  
DA  "H3'"  H  N N 78  
DA  "HO3'" H  N N 79  
DA  "H2'"  H  N N 80  
DA  "H2''" H  N N 81  
DA  "H1'"  H  N N 82  
DA  H8     H  N N 83  
DA  H61    H  N N 84  
DA  H62    H  N N 85  
DA  H2     H  N N 86  
DC  OP3    O  N N 87  
DC  P      P  N N 88  
DC  OP1    O  N N 89  
DC  OP2    O  N N 90  
DC  "O5'"  O  N N 91  
DC  "C5'"  C  N N 92  
DC  "C4'"  C  N R 93  
DC  "O4'"  O  N N 94  
DC  "C3'"  C  N S 95  
DC  "O3'"  O  N N 96  
DC  "C2'"  C  N N 97  
DC  "C1'"  C  N R 98  
DC  N1     N  N N 99  
DC  C2     C  N N 100 
DC  O2     O  N N 101 
DC  N3     N  N N 102 
DC  C4     C  N N 103 
DC  N4     N  N N 104 
DC  C5     C  N N 105 
DC  C6     C  N N 106 
DC  HOP3   H  N N 107 
DC  HOP2   H  N N 108 
DC  "H5'"  H  N N 109 
DC  "H5''" H  N N 110 
DC  "H4'"  H  N N 111 
DC  "H3'"  H  N N 112 
DC  "HO3'" H  N N 113 
DC  "H2'"  H  N N 114 
DC  "H2''" H  N N 115 
DC  "H1'"  H  N N 116 
DC  H41    H  N N 117 
DC  H42    H  N N 118 
DC  H5     H  N N 119 
DC  H6     H  N N 120 
DG  OP3    O  N N 121 
DG  P      P  N N 122 
DG  OP1    O  N N 123 
DG  OP2    O  N N 124 
DG  "O5'"  O  N N 125 
DG  "C5'"  C  N N 126 
DG  "C4'"  C  N R 127 
DG  "O4'"  O  N N 128 
DG  "C3'"  C  N S 129 
DG  "O3'"  O  N N 130 
DG  "C2'"  C  N N 131 
DG  "C1'"  C  N R 132 
DG  N9     N  Y N 133 
DG  C8     C  Y N 134 
DG  N7     N  Y N 135 
DG  C5     C  Y N 136 
DG  C6     C  N N 137 
DG  O6     O  N N 138 
DG  N1     N  N N 139 
DG  C2     C  N N 140 
DG  N2     N  N N 141 
DG  N3     N  N N 142 
DG  C4     C  Y N 143 
DG  HOP3   H  N N 144 
DG  HOP2   H  N N 145 
DG  "H5'"  H  N N 146 
DG  "H5''" H  N N 147 
DG  "H4'"  H  N N 148 
DG  "H3'"  H  N N 149 
DG  "HO3'" H  N N 150 
DG  "H2'"  H  N N 151 
DG  "H2''" H  N N 152 
DG  "H1'"  H  N N 153 
DG  H8     H  N N 154 
DG  H1     H  N N 155 
DG  H21    H  N N 156 
DG  H22    H  N N 157 
DT  OP3    O  N N 158 
DT  P      P  N N 159 
DT  OP1    O  N N 160 
DT  OP2    O  N N 161 
DT  "O5'"  O  N N 162 
DT  "C5'"  C  N N 163 
DT  "C4'"  C  N R 164 
DT  "O4'"  O  N N 165 
DT  "C3'"  C  N S 166 
DT  "O3'"  O  N N 167 
DT  "C2'"  C  N N 168 
DT  "C1'"  C  N R 169 
DT  N1     N  N N 170 
DT  C2     C  N N 171 
DT  O2     O  N N 172 
DT  N3     N  N N 173 
DT  C4     C  N N 174 
DT  O4     O  N N 175 
DT  C5     C  N N 176 
DT  C7     C  N N 177 
DT  C6     C  N N 178 
DT  HOP3   H  N N 179 
DT  HOP2   H  N N 180 
DT  "H5'"  H  N N 181 
DT  "H5''" H  N N 182 
DT  "H4'"  H  N N 183 
DT  "H3'"  H  N N 184 
DT  "HO3'" H  N N 185 
DT  "H2'"  H  N N 186 
DT  "H2''" H  N N 187 
DT  "H1'"  H  N N 188 
DT  H3     H  N N 189 
DT  H71    H  N N 190 
DT  H72    H  N N 191 
DT  H73    H  N N 192 
DT  H6     H  N N 193 
HOH O      O  N N 194 
HOH H1     H  N N 195 
HOH H2     H  N N 196 
NA  NA     NA N N 197 
# 
loop_
_chem_comp_bond.comp_id 
_chem_comp_bond.atom_id_1 
_chem_comp_bond.atom_id_2 
_chem_comp_bond.value_order 
_chem_comp_bond.pdbx_aromatic_flag 
_chem_comp_bond.pdbx_stereo_config 
_chem_comp_bond.pdbx_ordinal 
8AD C1    C2     doub Y N 1   
8AD C1    C11    sing Y N 2   
8AD C1    H1     sing N N 3   
8AD C2    C3     sing Y N 4   
8AD C2    H2     sing N N 5   
8AD C3    C4     doub Y N 6   
8AD C3    H3     sing N N 7   
8AD C4    C12    sing Y N 8   
8AD C4    CD1    sing N N 9   
8AD C5    C6     doub Y N 10  
8AD C5    C14    sing Y N 11  
8AD C5    H5     sing N N 12  
8AD C6    C7     sing Y N 13  
8AD C6    H6     sing N N 14  
8AD C7    C8     doub Y N 15  
8AD C7    H7     sing N N 16  
8AD C8    C13    sing Y N 17  
8AD C8    H8     sing N N 18  
8AD C9    C11    doub Y N 19  
8AD C9    C13    sing Y N 20  
8AD C9    N9     sing N N 21  
8AD N10   C12    doub Y N 22  
8AD N10   C14    sing Y N 23  
8AD C11   C12    sing Y N 24  
8AD C13   C14    doub Y N 25  
8AD N9    H9A    sing N N 26  
8AD N9    H9B    sing N N 27  
8AD CD1   OD1    doub N N 28  
8AD CD1   ND1    sing N N 29  
8AD ND1   CD2    sing N N 30  
8AD ND1   HD1    sing N N 31  
8AD ND2   CD5    sing N N 32  
8AD ND2   CD7    sing N N 33  
8AD ND2   CD8    sing N N 34  
8AD CD2   CD3    sing N N 35  
8AD CD2   HD21   sing N N 36  
8AD CD2   HD22   sing N N 37  
8AD CD3   CD4    sing N N 38  
8AD CD3   HD31   sing N N 39  
8AD CD3   HD32   sing N N 40  
8AD CD4   CD5    sing N N 41  
8AD CD4   HD41   sing N N 42  
8AD CD4   HD42   sing N N 43  
8AD CD5   HD51   sing N N 44  
8AD CD5   HD52   sing N N 45  
8AD CD7   HD71   sing N N 46  
8AD CD7   HD72   sing N N 47  
8AD CD7   HD73   sing N N 48  
8AD CD8   HD81   sing N N 49  
8AD CD8   HD82   sing N N 50  
8AD CD8   HD83   sing N N 51  
DA  OP3   P      sing N N 52  
DA  OP3   HOP3   sing N N 53  
DA  P     OP1    doub N N 54  
DA  P     OP2    sing N N 55  
DA  P     "O5'"  sing N N 56  
DA  OP2   HOP2   sing N N 57  
DA  "O5'" "C5'"  sing N N 58  
DA  "C5'" "C4'"  sing N N 59  
DA  "C5'" "H5'"  sing N N 60  
DA  "C5'" "H5''" sing N N 61  
DA  "C4'" "O4'"  sing N N 62  
DA  "C4'" "C3'"  sing N N 63  
DA  "C4'" "H4'"  sing N N 64  
DA  "O4'" "C1'"  sing N N 65  
DA  "C3'" "O3'"  sing N N 66  
DA  "C3'" "C2'"  sing N N 67  
DA  "C3'" "H3'"  sing N N 68  
DA  "O3'" "HO3'" sing N N 69  
DA  "C2'" "C1'"  sing N N 70  
DA  "C2'" "H2'"  sing N N 71  
DA  "C2'" "H2''" sing N N 72  
DA  "C1'" N9     sing N N 73  
DA  "C1'" "H1'"  sing N N 74  
DA  N9    C8     sing Y N 75  
DA  N9    C4     sing Y N 76  
DA  C8    N7     doub Y N 77  
DA  C8    H8     sing N N 78  
DA  N7    C5     sing Y N 79  
DA  C5    C6     sing Y N 80  
DA  C5    C4     doub Y N 81  
DA  C6    N6     sing N N 82  
DA  C6    N1     doub Y N 83  
DA  N6    H61    sing N N 84  
DA  N6    H62    sing N N 85  
DA  N1    C2     sing Y N 86  
DA  C2    N3     doub Y N 87  
DA  C2    H2     sing N N 88  
DA  N3    C4     sing Y N 89  
DC  OP3   P      sing N N 90  
DC  OP3   HOP3   sing N N 91  
DC  P     OP1    doub N N 92  
DC  P     OP2    sing N N 93  
DC  P     "O5'"  sing N N 94  
DC  OP2   HOP2   sing N N 95  
DC  "O5'" "C5'"  sing N N 96  
DC  "C5'" "C4'"  sing N N 97  
DC  "C5'" "H5'"  sing N N 98  
DC  "C5'" "H5''" sing N N 99  
DC  "C4'" "O4'"  sing N N 100 
DC  "C4'" "C3'"  sing N N 101 
DC  "C4'" "H4'"  sing N N 102 
DC  "O4'" "C1'"  sing N N 103 
DC  "C3'" "O3'"  sing N N 104 
DC  "C3'" "C2'"  sing N N 105 
DC  "C3'" "H3'"  sing N N 106 
DC  "O3'" "HO3'" sing N N 107 
DC  "C2'" "C1'"  sing N N 108 
DC  "C2'" "H2'"  sing N N 109 
DC  "C2'" "H2''" sing N N 110 
DC  "C1'" N1     sing N N 111 
DC  "C1'" "H1'"  sing N N 112 
DC  N1    C2     sing N N 113 
DC  N1    C6     sing N N 114 
DC  C2    O2     doub N N 115 
DC  C2    N3     sing N N 116 
DC  N3    C4     doub N N 117 
DC  C4    N4     sing N N 118 
DC  C4    C5     sing N N 119 
DC  N4    H41    sing N N 120 
DC  N4    H42    sing N N 121 
DC  C5    C6     doub N N 122 
DC  C5    H5     sing N N 123 
DC  C6    H6     sing N N 124 
DG  OP3   P      sing N N 125 
DG  OP3   HOP3   sing N N 126 
DG  P     OP1    doub N N 127 
DG  P     OP2    sing N N 128 
DG  P     "O5'"  sing N N 129 
DG  OP2   HOP2   sing N N 130 
DG  "O5'" "C5'"  sing N N 131 
DG  "C5'" "C4'"  sing N N 132 
DG  "C5'" "H5'"  sing N N 133 
DG  "C5'" "H5''" sing N N 134 
DG  "C4'" "O4'"  sing N N 135 
DG  "C4'" "C3'"  sing N N 136 
DG  "C4'" "H4'"  sing N N 137 
DG  "O4'" "C1'"  sing N N 138 
DG  "C3'" "O3'"  sing N N 139 
DG  "C3'" "C2'"  sing N N 140 
DG  "C3'" "H3'"  sing N N 141 
DG  "O3'" "HO3'" sing N N 142 
DG  "C2'" "C1'"  sing N N 143 
DG  "C2'" "H2'"  sing N N 144 
DG  "C2'" "H2''" sing N N 145 
DG  "C1'" N9     sing N N 146 
DG  "C1'" "H1'"  sing N N 147 
DG  N9    C8     sing Y N 148 
DG  N9    C4     sing Y N 149 
DG  C8    N7     doub Y N 150 
DG  C8    H8     sing N N 151 
DG  N7    C5     sing Y N 152 
DG  C5    C6     sing N N 153 
DG  C5    C4     doub Y N 154 
DG  C6    O6     doub N N 155 
DG  C6    N1     sing N N 156 
DG  N1    C2     sing N N 157 
DG  N1    H1     sing N N 158 
DG  C2    N2     sing N N 159 
DG  C2    N3     doub N N 160 
DG  N2    H21    sing N N 161 
DG  N2    H22    sing N N 162 
DG  N3    C4     sing N N 163 
DT  OP3   P      sing N N 164 
DT  OP3   HOP3   sing N N 165 
DT  P     OP1    doub N N 166 
DT  P     OP2    sing N N 167 
DT  P     "O5'"  sing N N 168 
DT  OP2   HOP2   sing N N 169 
DT  "O5'" "C5'"  sing N N 170 
DT  "C5'" "C4'"  sing N N 171 
DT  "C5'" "H5'"  sing N N 172 
DT  "C5'" "H5''" sing N N 173 
DT  "C4'" "O4'"  sing N N 174 
DT  "C4'" "C3'"  sing N N 175 
DT  "C4'" "H4'"  sing N N 176 
DT  "O4'" "C1'"  sing N N 177 
DT  "C3'" "O3'"  sing N N 178 
DT  "C3'" "C2'"  sing N N 179 
DT  "C3'" "H3'"  sing N N 180 
DT  "O3'" "HO3'" sing N N 181 
DT  "C2'" "C1'"  sing N N 182 
DT  "C2'" "H2'"  sing N N 183 
DT  "C2'" "H2''" sing N N 184 
DT  "C1'" N1     sing N N 185 
DT  "C1'" "H1'"  sing N N 186 
DT  N1    C2     sing N N 187 
DT  N1    C6     sing N N 188 
DT  C2    O2     doub N N 189 
DT  C2    N3     sing N N 190 
DT  N3    C4     sing N N 191 
DT  N3    H3     sing N N 192 
DT  C4    O4     doub N N 193 
DT  C4    C5     sing N N 194 
DT  C5    C7     sing N N 195 
DT  C5    C6     doub N N 196 
DT  C7    H71    sing N N 197 
DT  C7    H72    sing N N 198 
DT  C7    H73    sing N N 199 
DT  C6    H6     sing N N 200 
HOH O     H1     sing N N 201 
HOH O     H2     sing N N 202 
# 
loop_
_ndb_struct_conf_na.entry_id 
_ndb_struct_conf_na.feature 
1FN2 'double helix'        
1FN2 'b-form double helix' 
# 
loop_
_ndb_struct_na_base_pair.model_number 
_ndb_struct_na_base_pair.i_label_asym_id 
_ndb_struct_na_base_pair.i_label_comp_id 
_ndb_struct_na_base_pair.i_label_seq_id 
_ndb_struct_na_base_pair.i_symmetry 
_ndb_struct_na_base_pair.j_label_asym_id 
_ndb_struct_na_base_pair.j_label_comp_id 
_ndb_struct_na_base_pair.j_label_seq_id 
_ndb_struct_na_base_pair.j_symmetry 
_ndb_struct_na_base_pair.shear 
_ndb_struct_na_base_pair.stretch 
_ndb_struct_na_base_pair.stagger 
_ndb_struct_na_base_pair.buckle 
_ndb_struct_na_base_pair.propeller 
_ndb_struct_na_base_pair.opening 
_ndb_struct_na_base_pair.pair_number 
_ndb_struct_na_base_pair.pair_name 
_ndb_struct_na_base_pair.i_auth_asym_id 
_ndb_struct_na_base_pair.i_auth_seq_id 
_ndb_struct_na_base_pair.i_PDB_ins_code 
_ndb_struct_na_base_pair.j_auth_asym_id 
_ndb_struct_na_base_pair.j_auth_seq_id 
_ndb_struct_na_base_pair.j_PDB_ins_code 
_ndb_struct_na_base_pair.hbond_type_28 
_ndb_struct_na_base_pair.hbond_type_12 
1 A DG 1 1_555 B DC 5 1_555 -0.343 -0.130 -0.150 -12.136 3.802  -0.151 1 A_DG1002:DC2005_B A 1002 ? B 2005 ? 19 1 
1 A DT 2 1_555 B DA 4 1_555 0.133  -0.172 0.084  2.557   -1.150 -0.369 2 A_DT1003:DA2004_B A 1003 ? B 2004 ? 20 1 
1 A DA 3 1_555 B DT 3 1_555 -0.196 0.002  -0.286 -6.717  3.684  -7.286 3 A_DA1004:DT2003_B A 1004 ? B 2003 ? 20 1 
1 A DC 4 1_555 B DG 2 1_555 0.555  -0.037 -0.233 16.171  1.105  4.787  4 A_DC1005:DG2002_B A 1005 ? B 2002 ? 19 1 
# 
loop_
_ndb_struct_na_base_pair_step.model_number 
_ndb_struct_na_base_pair_step.i_label_asym_id_1 
_ndb_struct_na_base_pair_step.i_label_comp_id_1 
_ndb_struct_na_base_pair_step.i_label_seq_id_1 
_ndb_struct_na_base_pair_step.i_symmetry_1 
_ndb_struct_na_base_pair_step.j_label_asym_id_1 
_ndb_struct_na_base_pair_step.j_label_comp_id_1 
_ndb_struct_na_base_pair_step.j_label_seq_id_1 
_ndb_struct_na_base_pair_step.j_symmetry_1 
_ndb_struct_na_base_pair_step.i_label_asym_id_2 
_ndb_struct_na_base_pair_step.i_label_comp_id_2 
_ndb_struct_na_base_pair_step.i_label_seq_id_2 
_ndb_struct_na_base_pair_step.i_symmetry_2 
_ndb_struct_na_base_pair_step.j_label_asym_id_2 
_ndb_struct_na_base_pair_step.j_label_comp_id_2 
_ndb_struct_na_base_pair_step.j_label_seq_id_2 
_ndb_struct_na_base_pair_step.j_symmetry_2 
_ndb_struct_na_base_pair_step.shift 
_ndb_struct_na_base_pair_step.slide 
_ndb_struct_na_base_pair_step.rise 
_ndb_struct_na_base_pair_step.tilt 
_ndb_struct_na_base_pair_step.roll 
_ndb_struct_na_base_pair_step.twist 
_ndb_struct_na_base_pair_step.x_displacement 
_ndb_struct_na_base_pair_step.y_displacement 
_ndb_struct_na_base_pair_step.helical_rise 
_ndb_struct_na_base_pair_step.inclination 
_ndb_struct_na_base_pair_step.tip 
_ndb_struct_na_base_pair_step.helical_twist 
_ndb_struct_na_base_pair_step.step_number 
_ndb_struct_na_base_pair_step.step_name 
_ndb_struct_na_base_pair_step.i_auth_asym_id_1 
_ndb_struct_na_base_pair_step.i_auth_seq_id_1 
_ndb_struct_na_base_pair_step.i_PDB_ins_code_1 
_ndb_struct_na_base_pair_step.j_auth_asym_id_1 
_ndb_struct_na_base_pair_step.j_auth_seq_id_1 
_ndb_struct_na_base_pair_step.j_PDB_ins_code_1 
_ndb_struct_na_base_pair_step.i_auth_asym_id_2 
_ndb_struct_na_base_pair_step.i_auth_seq_id_2 
_ndb_struct_na_base_pair_step.i_PDB_ins_code_2 
_ndb_struct_na_base_pair_step.j_auth_asym_id_2 
_ndb_struct_na_base_pair_step.j_auth_seq_id_2 
_ndb_struct_na_base_pair_step.j_PDB_ins_code_2 
1 A DG 1 1_555 B DC 5 1_555 A DT 2 1_555 B DA 4 1_555 -0.193 -0.357 3.028 -1.825 3.188 27.388 -1.462 -0.004 2.974 6.694  3.833  
27.628 1 AA_DG1002DT1003:DA2004DC2005_BB A 1002 ? B 2005 ? A 1003 ? B 2004 ? 
1 A DT 2 1_555 B DA 4 1_555 A DA 3 1_555 B DT 3 1_555 -0.131 -0.542 3.379 1.750  6.624 35.294 -1.841 0.467  3.218 10.799 -2.853 
35.932 2 AA_DT1003DA1004:DT2003DA2004_BB A 1003 ? B 2004 ? A 1004 ? B 2003 ? 
1 A DA 3 1_555 B DT 3 1_555 A DC 4 1_555 B DG 2 1_555 0.873  -0.361 2.868 -3.284 2.305 31.140 -1.039 -2.144 2.730 4.271  6.085  
31.391 3 AA_DA1004DC1005:DG2002DT2003_BB A 1004 ? B 2003 ? A 1005 ? B 2002 ? 
# 
_atom_sites.entry_id                    1FN2 
_atom_sites.fract_transf_matrix[1][1]   -0.03259636 
_atom_sites.fract_transf_matrix[1][2]   0.00426579 
_atom_sites.fract_transf_matrix[1][3]   -0.01055105 
_atom_sites.fract_transf_matrix[2][1]   0.00152532 
_atom_sites.fract_transf_matrix[2][2]   0.01872577 
_atom_sites.fract_transf_matrix[2][3]   0.00285852 
_atom_sites.fract_transf_matrix[3][1]   0.00790285 
_atom_sites.fract_transf_matrix[3][2]   0.00290403 
_atom_sites.fract_transf_matrix[3][3]   -0.02324092 
_atom_sites.fract_transf_vector[1]      0.612578 
_atom_sites.fract_transf_vector[2]      0.354644 
_atom_sites.fract_transf_vector[3]      0.260030 
# 
loop_
_atom_type.symbol 
C  
CO 
N  
NA 
O  
P  
# 
loop_
_atom_site.group_PDB 
_atom_site.id 
_atom_site.type_symbol 
_atom_site.label_atom_id 
_atom_site.label_alt_id 
_atom_site.label_comp_id 
_atom_site.label_asym_id 
_atom_site.label_entity_id 
_atom_site.label_seq_id 
_atom_site.pdbx_PDB_ins_code 
_atom_site.Cartn_x 
_atom_site.Cartn_y 
_atom_site.Cartn_z 
_atom_site.occupancy 
_atom_site.B_iso_or_equiv 
_atom_site.pdbx_formal_charge 
_atom_site.auth_seq_id 
_atom_site.auth_comp_id 
_atom_site.auth_asym_id 
_atom_site.auth_atom_id 
_atom_site.pdbx_PDB_model_num 
ATOM   1   P  P     . DG  A 1 1 ? -0.373  -11.434 3.995   1.00 43.60 ? 1002 DG  A P     1 
ATOM   2   O  OP1   . DG  A 1 1 ? -1.629  -11.574 3.233   1.00 56.53 ? 1002 DG  A OP1   1 
ATOM   3   O  OP2   . DG  A 1 1 ? -0.164  -10.347 4.970   1.00 47.74 ? 1002 DG  A OP2   1 
ATOM   4   O  "O5'" . DG  A 1 1 ? 0.725   -11.154 2.853   1.00 32.34 ? 1002 DG  A "O5'" 1 
ATOM   5   C  "C5'" . DG  A 1 1 ? 0.470   -11.957 1.746   1.00 27.38 ? 1002 DG  A "C5'" 1 
ATOM   6   C  "C4'" . DG  A 1 1 ? 1.255   -11.418 0.584   1.00 29.52 ? 1002 DG  A "C4'" 1 
ATOM   7   O  "O4'" . DG  A 1 1 ? 0.582   -10.367 -0.100  1.00 25.82 ? 1002 DG  A "O4'" 1 
ATOM   8   C  "C3'" . DG  A 1 1 ? 2.684   -10.688 0.835   1.00 27.09 ? 1002 DG  A "C3'" 1 
ATOM   9   O  "O3'" . DG  A 1 1 ? 3.433   -11.090 -0.305  1.00 29.87 ? 1002 DG  A "O3'" 1 
ATOM   10  C  "C2'" . DG  A 1 1 ? 2.373   -9.252  1.089   1.00 33.63 ? 1002 DG  A "C2'" 1 
ATOM   11  C  "C1'" . DG  A 1 1 ? 1.250   -9.067  0.076   1.00 23.58 ? 1002 DG  A "C1'" 1 
ATOM   12  N  N9    . DG  A 1 1 ? 0.163   -8.158  0.420   1.00 24.14 ? 1002 DG  A N9    1 
ATOM   13  C  C8    . DG  A 1 1 ? -0.567  -8.173  1.586   1.00 20.49 ? 1002 DG  A C8    1 
ATOM   14  N  N7    . DG  A 1 1 ? -1.468  -7.252  1.620   1.00 24.05 ? 1002 DG  A N7    1 
ATOM   15  C  C5    . DG  A 1 1 ? -1.344  -6.579  0.421   1.00 22.89 ? 1002 DG  A C5    1 
ATOM   16  C  C6    . DG  A 1 1 ? -2.073  -5.472  -0.094  1.00 21.85 ? 1002 DG  A C6    1 
ATOM   17  O  O6    . DG  A 1 1 ? -3.000  -4.852  0.433   1.00 18.64 ? 1002 DG  A O6    1 
ATOM   18  N  N1    . DG  A 1 1 ? -1.612  -5.110  -1.357  1.00 18.18 ? 1002 DG  A N1    1 
ATOM   19  C  C2    . DG  A 1 1 ? -0.597  -5.718  -2.038  1.00 15.91 ? 1002 DG  A C2    1 
ATOM   20  N  N2    . DG  A 1 1 ? -0.288  -5.230  -3.252  1.00 16.14 ? 1002 DG  A N2    1 
ATOM   21  N  N3    . DG  A 1 1 ? 0.095   -6.755  -1.569  1.00 20.30 ? 1002 DG  A N3    1 
ATOM   22  C  C4    . DG  A 1 1 ? -0.335  -7.128  -0.338  1.00 20.94 ? 1002 DG  A C4    1 
ATOM   23  P  P     . DT  A 1 2 ? 5.013   -10.692 -0.109  1.00 33.04 ? 1003 DT  A P     1 
ATOM   24  O  OP1   . DT  A 1 2 ? 5.823   -11.574 -0.992  1.00 32.88 ? 1003 DT  A OP1   1 
ATOM   25  O  OP2   . DT  A 1 2 ? 5.346   -10.506 1.317   1.00 37.84 ? 1003 DT  A OP2   1 
ATOM   26  O  "O5'" . DT  A 1 2 ? 5.265   -9.245  -0.750  1.00 26.26 ? 1003 DT  A "O5'" 1 
ATOM   27  C  "C5'" . DT  A 1 2 ? 4.761   -9.052  -2.039  1.00 28.10 ? 1003 DT  A "C5'" 1 
ATOM   28  C  "C4'" . DT  A 1 2 ? 4.768   -7.557  -2.250  1.00 24.73 ? 1003 DT  A "C4'" 1 
ATOM   29  O  "O4'" . DT  A 1 2 ? 3.694   -6.914  -1.586  1.00 23.35 ? 1003 DT  A "O4'" 1 
ATOM   30  C  "C3'" . DT  A 1 2 ? 6.019   -6.677  -1.700  1.00 24.28 ? 1003 DT  A "C3'" 1 
ATOM   31  O  "O3'" . DT  A 1 2 ? 6.764   -6.441  -2.894  1.00 29.61 ? 1003 DT  A "O3'" 1 
ATOM   32  C  "C2'" . DT  A 1 2 ? 5.507   -5.511  -0.910  1.00 20.48 ? 1003 DT  A "C2'" 1 
ATOM   33  C  "C1'" . DT  A 1 2 ? 4.047   -5.492  -1.333  1.00 24.66 ? 1003 DT  A "C1'" 1 
ATOM   34  N  N1    . DT  A 1 2 ? 2.987   -5.050  -0.423  1.00 19.95 ? 1003 DT  A N1    1 
ATOM   35  C  C2    . DT  A 1 2 ? 2.135   -4.058  -0.856  1.00 19.65 ? 1003 DT  A C2    1 
ATOM   36  O  O2    . DT  A 1 2 ? 2.219   -3.533  -1.941  1.00 17.67 ? 1003 DT  A O2    1 
ATOM   37  N  N3    . DT  A 1 2 ? 1.153   -3.680  0.044   1.00 20.86 ? 1003 DT  A N3    1 
ATOM   38  C  C4    . DT  A 1 2 ? 0.960   -4.208  1.317   1.00 20.64 ? 1003 DT  A C4    1 
ATOM   39  O  O4    . DT  A 1 2 ? 0.031   -3.746  1.977   1.00 19.50 ? 1003 DT  A O4    1 
ATOM   40  C  C5    . DT  A 1 2 ? 1.887   -5.241  1.704   1.00 25.49 ? 1003 DT  A C5    1 
ATOM   41  C  C7    . DT  A 1 2 ? 1.798   -5.904  3.052   1.00 24.02 ? 1003 DT  A C7    1 
ATOM   42  C  C6    . DT  A 1 2 ? 2.840   -5.608  0.829   1.00 18.37 ? 1003 DT  A C6    1 
ATOM   43  P  P     . DA  A 1 3 ? 7.933   -5.288  -2.952  1.00 30.66 ? 1004 DA  A P     1 
ATOM   44  O  OP1   . DA  A 1 3 ? 8.773   -5.504  -4.143  1.00 33.49 ? 1004 DA  A OP1   1 
ATOM   45  O  OP2   . DA  A 1 3 ? 8.500   -5.003  -1.599  1.00 29.27 ? 1004 DA  A OP2   1 
ATOM   46  O  "O5'" . DA  A 1 3 ? 7.216   -3.897  -3.232  1.00 26.56 ? 1004 DA  A "O5'" 1 
ATOM   47  C  "C5'" . DA  A 1 3 ? 6.418   -3.777  -4.378  1.00 35.23 ? 1004 DA  A "C5'" 1 
ATOM   48  C  "C4'" . DA  A 1 3 ? 6.130   -2.296  -4.394  1.00 25.46 ? 1004 DA  A "C4'" 1 
ATOM   49  O  "O4'" . DA  A 1 3 ? 5.055   -1.992  -3.536  1.00 27.66 ? 1004 DA  A "O4'" 1 
ATOM   50  C  "C3'" . DA  A 1 3 ? 7.280   -1.273  -3.890  1.00 26.83 ? 1004 DA  A "C3'" 1 
ATOM   51  O  "O3'" . DA  A 1 3 ? 7.334   -0.287  -4.908  1.00 39.24 ? 1004 DA  A "O3'" 1 
ATOM   52  C  "C2'" . DA  A 1 3 ? 6.920   -0.874  -2.490  1.00 26.73 ? 1004 DA  A "C2'" 1 
ATOM   53  C  "C1'" . DA  A 1 3 ? 5.390   -0.915  -2.615  1.00 25.14 ? 1004 DA  A "C1'" 1 
ATOM   54  N  N9    . DA  A 1 3 ? 4.650   -1.183  -1.386  1.00 19.21 ? 1004 DA  A N9    1 
ATOM   55  C  C8    . DA  A 1 3 ? 4.866   -2.175  -0.467  1.00 22.16 ? 1004 DA  A C8    1 
ATOM   56  N  N7    . DA  A 1 3 ? 4.015   -2.137  0.532   1.00 22.41 ? 1004 DA  A N7    1 
ATOM   57  C  C5    . DA  A 1 3 ? 3.196   -1.057  0.250   1.00 19.10 ? 1004 DA  A C5    1 
ATOM   58  C  C6    . DA  A 1 3 ? 2.097   -0.467  0.909   1.00 19.87 ? 1004 DA  A C6    1 
ATOM   59  N  N6    . DA  A 1 3 ? 1.604   -0.929  2.062   1.00 30.87 ? 1004 DA  A N6    1 
ATOM   60  N  N1    . DA  A 1 3 ? 1.517   0.606   0.341   1.00 20.91 ? 1004 DA  A N1    1 
ATOM   61  C  C2    . DA  A 1 3 ? 1.998   1.080   -0.817  1.00 21.42 ? 1004 DA  A C2    1 
ATOM   62  N  N3    . DA  A 1 3 ? 3.018   0.623   -1.530  1.00 26.16 ? 1004 DA  A N3    1 
ATOM   63  C  C4    . DA  A 1 3 ? 3.575   -0.450  -0.936  1.00 18.75 ? 1004 DA  A C4    1 
ATOM   64  P  P     . DC  A 1 4 ? 8.559   0.846   -4.826  1.00 44.24 ? 1005 DC  A P     1 
ATOM   65  O  OP1   . DC  A 1 4 ? 8.680   1.486   -6.159  1.00 64.52 ? 1005 DC  A OP1   1 
ATOM   66  O  OP2   . DC  A 1 4 ? 9.684   0.294   -4.077  1.00 27.79 ? 1005 DC  A OP2   1 
ATOM   67  O  "O5'" . DC  A 1 4 ? 8.011   2.025   -3.908  1.00 32.73 ? 1005 DC  A "O5'" 1 
ATOM   68  C  "C5'" . DC  A 1 4 ? 6.969   2.700   -4.560  1.00 29.91 ? 1005 DC  A "C5'" 1 
ATOM   69  C  "C4'" . DC  A 1 4 ? 6.319   3.534   -3.482  1.00 32.89 ? 1005 DC  A "C4'" 1 
ATOM   70  O  "O4'" . DC  A 1 4 ? 5.793   2.736   -2.435  1.00 33.51 ? 1005 DC  A "O4'" 1 
ATOM   71  C  "C3'" . DC  A 1 4 ? 7.233   4.591   -2.662  1.00 40.02 ? 1005 DC  A "C3'" 1 
ATOM   72  O  "O3'" . DC  A 1 4 ? 6.856   5.863   -3.207  1.00 42.55 ? 1005 DC  A "O3'" 1 
ATOM   73  C  "C2'" . DC  A 1 4 ? 7.050   4.355   -1.196  1.00 42.29 ? 1005 DC  A "C2'" 1 
ATOM   74  C  "C1'" . DC  A 1 4 ? 5.779   3.504   -1.192  1.00 37.15 ? 1005 DC  A "C1'" 1 
ATOM   75  N  N1    . DC  A 1 4 ? 5.630   2.549   -0.088  1.00 26.72 ? 1005 DC  A N1    1 
ATOM   76  C  C2    . DC  A 1 4 ? 4.519   2.701   0.740   1.00 20.66 ? 1005 DC  A C2    1 
ATOM   77  O  O2    . DC  A 1 4 ? 3.718   3.618   0.518   1.00 25.43 ? 1005 DC  A O2    1 
ATOM   78  N  N3    . DC  A 1 4 ? 4.339   1.846   1.770   1.00 26.29 ? 1005 DC  A N3    1 
ATOM   79  C  C4    . DC  A 1 4 ? 5.233   0.870   1.972   1.00 21.72 ? 1005 DC  A C4    1 
ATOM   80  N  N4    . DC  A 1 4 ? 4.993   0.058   3.006   1.00 27.36 ? 1005 DC  A N4    1 
ATOM   81  C  C5    . DC  A 1 4 ? 6.372   0.691   1.139   1.00 22.49 ? 1005 DC  A C5    1 
ATOM   82  C  C6    . DC  A 1 4 ? 6.537   1.554   0.118   1.00 21.20 ? 1005 DC  A C6    1 
ATOM   83  P  P     . DG  A 1 5 ? 8.031   7.002   -2.962  1.00 40.81 ? 1006 DG  A P     1 
ATOM   84  O  OP1   . DG  A 1 5 ? 7.816   8.158   -3.850  1.00 49.29 ? 1006 DG  A OP1   1 
ATOM   85  O  OP2   . DG  A 1 5 ? 9.339   6.355   -2.740  1.00 30.58 ? 1006 DG  A OP2   1 
ATOM   86  O  "O5'" . DG  A 1 5 ? 7.724   7.639   -1.504  1.00 39.52 ? 1006 DG  A "O5'" 1 
ATOM   87  C  "C5'" . DG  A 1 5 ? 6.550   8.386   -1.295  1.00 31.00 ? 1006 DG  A "C5'" 1 
ATOM   88  C  "C4'" . DG  A 1 5 ? 6.916   9.415   -0.266  1.00 26.34 ? 1006 DG  A "C4'" 1 
ATOM   89  O  "O4'" . DG  A 1 5 ? 7.000   8.908   1.054   1.00 33.74 ? 1006 DG  A "O4'" 1 
ATOM   90  C  "C3'" . DG  A 1 5 ? 8.376   10.129  -0.388  1.00 29.43 ? 1006 DG  A "C3'" 1 
ATOM   91  O  "O3'" . DG  A 1 5 ? 8.270   10.994  -1.509  1.00 25.94 ? 1006 DG  A "O3'" 1 
ATOM   92  C  "C2'" . DG  A 1 5 ? 8.648   10.677  0.976   1.00 25.98 ? 1006 DG  A "C2'" 1 
ATOM   93  C  "C1'" . DG  A 1 5 ? 8.071   9.543   1.824   1.00 25.23 ? 1006 DG  A "C1'" 1 
ATOM   94  N  N9    . DG  A 1 5 ? 8.995   8.465   2.203   1.00 29.31 ? 1006 DG  A N9    1 
ATOM   95  C  C8    . DG  A 1 5 ? 10.165  8.103   1.586   1.00 31.72 ? 1006 DG  A C8    1 
ATOM   96  N  N7    . DG  A 1 5 ? 10.756  7.094   2.178   1.00 40.00 ? 1006 DG  A N7    1 
ATOM   97  C  C5    . DG  A 1 5 ? 9.933   6.777   3.239   1.00 29.89 ? 1006 DG  A C5    1 
ATOM   98  C  C6    . DG  A 1 5 ? 10.057  5.771   4.235   1.00 38.13 ? 1006 DG  A C6    1 
ATOM   99  O  O6    . DG  A 1 5 ? 10.957  4.932   4.373   1.00 34.02 ? 1006 DG  A O6    1 
ATOM   100 N  N1    . DG  A 1 5 ? 8.989   5.803   5.128   1.00 30.81 ? 1006 DG  A N1    1 
ATOM   101 C  C2    . DG  A 1 5 ? 7.944   6.689   5.066   1.00 31.60 ? 1006 DG  A C2    1 
ATOM   102 N  N2    . DG  A 1 5 ? 7.005   6.566   6.014   1.00 43.47 ? 1006 DG  A N2    1 
ATOM   103 N  N3    . DG  A 1 5 ? 7.813   7.633   4.144   1.00 38.74 ? 1006 DG  A N3    1 
ATOM   104 C  C4    . DG  A 1 5 ? 8.843   7.615   3.268   1.00 27.84 ? 1006 DG  A C4    1 
ATOM   105 O  "O5'" . DC  B 2 1 ? -8.258  4.781   9.530   1.00 55.90 ? 2001 DC  B "O5'" 1 
ATOM   106 C  "C5'" . DC  B 2 1 ? -7.442  3.674   9.811   1.00 50.95 ? 2001 DC  B "C5'" 1 
ATOM   107 C  "C4'" . DC  B 2 1 ? -6.499  4.146   10.898  1.00 48.46 ? 2001 DC  B "C4'" 1 
ATOM   108 O  "O4'" . DC  B 2 1 ? -7.186  4.347   12.114  1.00 46.36 ? 2001 DC  B "O4'" 1 
ATOM   109 C  "C3'" . DC  B 2 1 ? -5.281  3.185   11.361  1.00 44.49 ? 2001 DC  B "C3'" 1 
ATOM   110 O  "O3'" . DC  B 2 1 ? -4.133  4.030   11.390  1.00 42.52 ? 2001 DC  B "O3'" 1 
ATOM   111 C  "C2'" . DC  B 2 1 ? -5.733  2.498   12.622  1.00 42.52 ? 2001 DC  B "C2'" 1 
ATOM   112 C  "C1'" . DC  B 2 1 ? -6.537  3.632   13.241  1.00 43.33 ? 2001 DC  B "C1'" 1 
ATOM   113 N  N1    . DC  B 2 1 ? -7.677  3.375   14.130  1.00 40.43 ? 2001 DC  B N1    1 
ATOM   114 C  C2    . DC  B 2 1 ? -7.666  4.045   15.362  1.00 27.22 ? 2001 DC  B C2    1 
ATOM   115 O  O2    . DC  B 2 1 ? -6.687  4.781   15.570  1.00 34.05 ? 2001 DC  B O2    1 
ATOM   116 N  N3    . DC  B 2 1 ? -8.691  3.849   16.211  1.00 28.03 ? 2001 DC  B N3    1 
ATOM   117 C  C4    . DC  B 2 1 ? -9.688  3.024   15.862  1.00 39.02 ? 2001 DC  B C4    1 
ATOM   118 N  N4    . DC  B 2 1 ? -10.687 2.854   16.737  1.00 63.91 ? 2001 DC  B N4    1 
ATOM   119 C  C5    . DC  B 2 1 ? -9.727  2.333   14.615  1.00 38.53 ? 2001 DC  B C5    1 
ATOM   120 C  C6    . DC  B 2 1 ? -8.698  2.543   13.782  1.00 36.43 ? 2001 DC  B C6    1 
ATOM   121 P  P     . DG  B 2 2 ? -2.660  3.609   10.767  1.00 50.38 ? 2002 DG  B P     1 
ATOM   122 O  OP1   . DG  B 2 2 ? -2.432  2.155   10.899  1.00 59.68 ? 2002 DG  B OP1   1 
ATOM   123 O  OP2   . DG  B 2 2 ? -1.613  4.590   11.119  1.00 50.36 ? 2002 DG  B OP2   1 
ATOM   124 O  "O5'" . DG  B 2 2 ? -2.808  3.812   9.176   1.00 49.75 ? 2002 DG  B "O5'" 1 
ATOM   125 C  "C5'" . DG  B 2 2 ? -3.350  5.110   9.199   1.00 45.15 ? 2002 DG  B "C5'" 1 
ATOM   126 C  "C4'" . DG  B 2 2 ? -3.057  5.651   7.826   1.00 39.47 ? 2002 DG  B "C4'" 1 
ATOM   127 O  "O4'" . DG  B 2 2 ? -1.689  5.643   7.499   1.00 36.10 ? 2002 DG  B "O4'" 1 
ATOM   128 C  "C3'" . DG  B 2 2 ? -3.684  4.847   6.558   1.00 36.40 ? 2002 DG  B "C3'" 1 
ATOM   129 O  "O3'" . DG  B 2 2 ? -5.057  5.265   6.576   1.00 35.31 ? 2002 DG  B "O3'" 1 
ATOM   130 C  "C2'" . DG  B 2 2 ? -2.782  5.128   5.405   1.00 34.89 ? 2002 DG  B "C2'" 1 
ATOM   131 C  "C1'" . DG  B 2 2 ? -1.427  5.320   6.092   1.00 31.10 ? 2002 DG  B "C1'" 1 
ATOM   132 N  N9    . DG  B 2 2 ? -0.500  4.180   6.117   1.00 27.61 ? 2002 DG  B N9    1 
ATOM   133 C  C8    . DG  B 2 2 ? -0.277  3.262   7.108   1.00 32.23 ? 2002 DG  B C8    1 
ATOM   134 N  N7    . DG  B 2 2 ? 0.624   2.369   6.802   1.00 28.47 ? 2002 DG  B N7    1 
ATOM   135 C  C5    . DG  B 2 2 ? 1.039   2.703   5.518   1.00 28.17 ? 2002 DG  B C5    1 
ATOM   136 C  C6    . DG  B 2 2 ? 1.993   2.116   4.643   1.00 19.26 ? 2002 DG  B C6    1 
ATOM   137 O  O6    . DG  B 2 2 ? 2.727   1.136   4.782   1.00 26.35 ? 2002 DG  B O6    1 
ATOM   138 N  N1    . DG  B 2 2 ? 2.088   2.795   3.424   1.00 25.24 ? 2002 DG  B N1    1 
ATOM   139 C  C2    . DG  B 2 2 ? 1.336   3.906   3.118   1.00 23.11 ? 2002 DG  B C2    1 
ATOM   140 N  N2    . DG  B 2 2 ? 1.532   4.458   1.909   1.00 29.50 ? 2002 DG  B N2    1 
ATOM   141 N  N3    . DG  B 2 2 ? 0.445   4.462   3.926   1.00 24.40 ? 2002 DG  B N3    1 
ATOM   142 C  C4    . DG  B 2 2 ? 0.347   3.818   5.097   1.00 19.17 ? 2002 DG  B C4    1 
ATOM   143 P  P     . DT  B 2 3 ? -6.072  4.505   5.503   1.00 39.29 ? 2003 DT  B P     1 
ATOM   144 O  OP1   . DT  B 2 3 ? -7.331  5.269   5.366   1.00 43.19 ? 2003 DT  B OP1   1 
ATOM   145 O  OP2   . DT  B 2 3 ? -6.011  3.047   5.719   1.00 38.78 ? 2003 DT  B OP2   1 
ATOM   146 O  "O5'" . DT  B 2 3 ? -5.402  4.689   4.055   1.00 37.61 ? 2003 DT  B "O5'" 1 
ATOM   147 C  "C5'" . DT  B 2 3 ? -5.392  6.011   3.597   1.00 30.51 ? 2003 DT  B "C5'" 1 
ATOM   148 C  "C4'" . DT  B 2 3 ? -4.796  5.928   2.212   1.00 41.40 ? 2003 DT  B "C4'" 1 
ATOM   149 O  "O4'" . DT  B 2 3 ? -3.531  5.286   2.211   1.00 45.94 ? 2003 DT  B "O4'" 1 
ATOM   150 C  "C3'" . DT  B 2 3 ? -5.594  5.094   1.074   1.00 39.46 ? 2003 DT  B "C3'" 1 
ATOM   151 O  "O3'" . DT  B 2 3 ? -5.630  5.962   -0.062  1.00 42.50 ? 2003 DT  B "O3'" 1 
ATOM   152 C  "C2'" . DT  B 2 3 ? -4.925  3.755   0.954   1.00 29.71 ? 2003 DT  B "C2'" 1 
ATOM   153 C  "C1'" . DT  B 2 3 ? -3.483  4.156   1.298   1.00 36.56 ? 2003 DT  B "C1'" 1 
ATOM   154 N  N1    . DT  B 2 3 ? -2.683  3.100   1.938   1.00 30.05 ? 2003 DT  B N1    1 
ATOM   155 C  C2    . DT  B 2 3 ? -1.538  2.679   1.305   1.00 25.26 ? 2003 DT  B C2    1 
ATOM   156 O  O2    . DT  B 2 3 ? -1.124  3.118   0.239   1.00 27.82 ? 2003 DT  B O2    1 
ATOM   157 N  N3    . DT  B 2 3 ? -0.862  1.695   1.971   1.00 25.06 ? 2003 DT  B N3    1 
ATOM   158 C  C4    . DT  B 2 3 ? -1.205  1.106   3.171   1.00 20.45 ? 2003 DT  B C4    1 
ATOM   159 O  O4    . DT  B 2 3 ? -0.484  0.235   3.627   1.00 23.60 ? 2003 DT  B O4    1 
ATOM   160 C  C5    . DT  B 2 3 ? -2.425  1.598   3.781   1.00 24.51 ? 2003 DT  B C5    1 
ATOM   161 C  C7    . DT  B 2 3 ? -2.874  1.016   5.079   1.00 25.18 ? 2003 DT  B C7    1 
ATOM   162 C  C6    . DT  B 2 3 ? -3.094  2.559   3.138   1.00 32.59 ? 2003 DT  B C6    1 
ATOM   163 P  P     . DA  B 2 4 ? -6.347  5.420   -1.457  1.00 35.08 ? 2004 DA  B P     1 
ATOM   164 O  OP1   . DA  B 2 4 ? -6.577  6.540   -2.376  1.00 31.55 ? 2004 DA  B OP1   1 
ATOM   165 O  OP2   . DA  B 2 4 ? -7.370  4.403   -1.123  1.00 33.88 ? 2004 DA  B OP2   1 
ATOM   166 O  "O5'" . DA  B 2 4 ? -5.230  4.527   -2.210  1.00 30.24 ? 2004 DA  B "O5'" 1 
ATOM   167 C  "C5'" . DA  B 2 4 ? -4.199  5.337   -2.696  1.00 31.22 ? 2004 DA  B "C5'" 1 
ATOM   168 C  "C4'" . DA  B 2 4 ? -3.421  4.514   -3.695  1.00 25.65 ? 2004 DA  B "C4'" 1 
ATOM   169 O  "O4'" . DA  B 2 4 ? -2.596  3.549   -3.053  1.00 25.04 ? 2004 DA  B "O4'" 1 
ATOM   170 C  "C3'" . DA  B 2 4 ? -4.235  3.608   -4.751  1.00 19.80 ? 2004 DA  B "C3'" 1 
ATOM   171 O  "O3'" . DA  B 2 4 ? -3.572  3.733   -6.023  1.00 23.36 ? 2004 DA  B "O3'" 1 
ATOM   172 C  "C2'" . DA  B 2 4 ? -4.331  2.251   -4.128  1.00 17.15 ? 2004 DA  B "C2'" 1 
ATOM   173 C  "C1'" . DA  B 2 4 ? -2.955  2.178   -3.453  1.00 23.43 ? 2004 DA  B "C1'" 1 
ATOM   174 N  N9    . DA  B 2 4 ? -2.858  1.348   -2.261  1.00 22.34 ? 2004 DA  B N9    1 
ATOM   175 C  C8    . DA  B 2 4 ? -3.652  1.421   -1.144  1.00 21.67 ? 2004 DA  B C8    1 
ATOM   176 N  N7    . DA  B 2 4 ? -3.356  0.560   -0.213  1.00 24.53 ? 2004 DA  B N7    1 
ATOM   177 C  C5    . DA  B 2 4 ? -2.286  -0.142  -0.748  1.00 21.84 ? 2004 DA  B C5    1 
ATOM   178 C  C6    . DA  B 2 4 ? -1.532  -1.198  -0.221  1.00 19.15 ? 2004 DA  B C6    1 
ATOM   179 N  N6    . DA  B 2 4 ? -1.748  -1.739  0.991   1.00 26.13 ? 2004 DA  B N6    1 
ATOM   180 N  N1    . DA  B 2 4 ? -0.531  -1.698  -0.974  1.00 18.21 ? 2004 DA  B N1    1 
ATOM   181 C  C2    . DA  B 2 4 ? -0.338  -1.142  -2.178  1.00 17.77 ? 2004 DA  B C2    1 
ATOM   182 N  N3    . DA  B 2 4 ? -0.975  -0.149  -2.789  1.00 20.10 ? 2004 DA  B N3    1 
ATOM   183 C  C4    . DA  B 2 4 ? -1.968  0.332   -2.009  1.00 21.73 ? 2004 DA  B C4    1 
ATOM   184 P  P     . DC  B 2 5 ? -4.507  3.223   -7.329  1.00 27.87 ? 2005 DC  B P     1 
ATOM   185 O  OP1   . DC  B 2 5 ? -3.929  3.827   -8.540  1.00 32.71 ? 2005 DC  B OP1   1 
ATOM   186 O  OP2   . DC  B 2 5 ? -5.929  3.184   -6.988  1.00 24.53 ? 2005 DC  B OP2   1 
ATOM   187 O  "O5'" . DC  B 2 5 ? -4.187  1.649   -7.490  1.00 22.91 ? 2005 DC  B "O5'" 1 
ATOM   188 C  "C5'" . DC  B 2 5 ? -2.824  1.386   -7.667  1.00 21.22 ? 2005 DC  B "C5'" 1 
ATOM   189 C  "C4'" . DC  B 2 5 ? -2.696  -0.114  -7.545  1.00 17.75 ? 2005 DC  B "C4'" 1 
ATOM   190 O  "O4'" . DC  B 2 5 ? -2.722  -0.544  -6.197  1.00 18.41 ? 2005 DC  B "O4'" 1 
ATOM   191 C  "C3'" . DC  B 2 5 ? -3.848  -1.047  -8.197  1.00 13.46 ? 2005 DC  B "C3'" 1 
ATOM   192 O  "O3'" . DC  B 2 5 ? -3.114  -1.887  -9.077  1.00 13.76 ? 2005 DC  B "O3'" 1 
ATOM   193 C  "C2'" . DC  B 2 5 ? -4.628  -1.669  -7.087  1.00 14.84 ? 2005 DC  B "C2'" 1 
ATOM   194 C  "C1'" . DC  B 2 5 ? -3.471  -1.799  -6.069  1.00 17.26 ? 2005 DC  B "C1'" 1 
ATOM   195 N  N1    . DC  B 2 5 ? -3.809  -1.980  -4.663  1.00 17.61 ? 2005 DC  B N1    1 
ATOM   196 C  C2    . DC  B 2 5 ? -3.022  -2.861  -3.914  1.00 21.60 ? 2005 DC  B C2    1 
ATOM   197 O  O2    . DC  B 2 5 ? -2.081  -3.439  -4.459  1.00 17.41 ? 2005 DC  B O2    1 
ATOM   198 N  N3    . DC  B 2 5 ? -3.296  -3.058  -2.613  1.00 14.55 ? 2005 DC  B N3    1 
ATOM   199 C  C4    . DC  B 2 5 ? -4.312  -2.428  -2.019  1.00 15.46 ? 2005 DC  B C4    1 
ATOM   200 N  N4    . DC  B 2 5 ? -4.499  -2.701  -0.720  1.00 19.34 ? 2005 DC  B N4    1 
ATOM   201 C  C5    . DC  B 2 5 ? -5.131  -1.534  -2.751  1.00 17.50 ? 2005 DC  B C5    1 
ATOM   202 C  C6    . DC  B 2 5 ? -4.842  -1.343  -4.044  1.00 14.38 ? 2005 DC  B C6    1 
ATOM   203 P  P     . DG  B 2 6 ? -3.962  -2.591  -10.275 1.00 20.79 ? 2006 DG  B P     1 
ATOM   204 O  OP1   . DG  B 2 6 ? -2.980  -3.287  -11.174 1.00 19.02 ? 2006 DG  B OP1   1 
ATOM   205 O  OP2   . DG  B 2 6 ? -4.956  -1.689  -10.904 1.00 19.99 ? 2006 DG  B OP2   1 
ATOM   206 O  "O5'" . DG  B 2 6 ? -4.805  -3.801  -9.661  1.00 17.57 ? 2006 DG  B "O5'" 1 
ATOM   207 C  "C5'" . DG  B 2 6 ? -4.163  -4.827  -8.945  1.00 19.92 ? 2006 DG  B "C5'" 1 
ATOM   208 C  "C4'" . DG  B 2 6 ? -5.171  -5.895  -8.601  1.00 12.95 ? 2006 DG  B "C4'" 1 
ATOM   209 O  "O4'" . DG  B 2 6 ? -6.311  -5.379  -7.914  1.00 17.70 ? 2006 DG  B "O4'" 1 
ATOM   210 C  "C3'" . DG  B 2 6 ? -5.859  -6.710  -9.818  1.00 14.82 ? 2006 DG  B "C3'" 1 
ATOM   211 O  "O3'" . DG  B 2 6 ? -5.057  -7.860  -10.090 1.00 17.85 ? 2006 DG  B "O3'" 1 
ATOM   212 C  "C2'" . DG  B 2 6 ? -7.308  -6.914  -9.407  1.00 15.10 ? 2006 DG  B "C2'" 1 
ATOM   213 C  "C1'" . DG  B 2 6 ? -7.542  -5.585  -8.717  1.00 21.32 ? 2006 DG  B "C1'" 1 
ATOM   214 N  N9    . DG  B 2 6 ? -7.694  -4.372  -9.507  1.00 19.22 ? 2006 DG  B N9    1 
ATOM   215 C  C8    . DG  B 2 6 ? -7.727  -4.222  -10.886 1.00 15.95 ? 2006 DG  B C8    1 
ATOM   216 N  N7    . DG  B 2 6 ? -7.876  -2.985  -11.258 1.00 13.57 ? 2006 DG  B N7    1 
ATOM   217 C  C5    . DG  B 2 6 ? -7.948  -2.267  -10.074 1.00 16.98 ? 2006 DG  B C5    1 
ATOM   218 C  C6    . DG  B 2 6 ? -8.109  -0.878  -9.852  1.00 19.63 ? 2006 DG  B C6    1 
ATOM   219 O  O6    . DG  B 2 6 ? -8.223  0.011   -10.704 1.00 26.86 ? 2006 DG  B O6    1 
ATOM   220 N  N1    . DG  B 2 6 ? -8.129  -0.565  -8.497  1.00 17.58 ? 2006 DG  B N1    1 
ATOM   221 C  C2    . DG  B 2 6 ? -8.010  -1.486  -7.491  1.00 15.07 ? 2006 DG  B C2    1 
ATOM   222 N  N2    . DG  B 2 6 ? -8.052  -1.007  -6.239  1.00 20.26 ? 2006 DG  B N2    1 
ATOM   223 N  N3    . DG  B 2 6 ? -7.861  -2.779  -7.688  1.00 16.18 ? 2006 DG  B N3    1 
ATOM   224 C  C4    . DG  B 2 6 ? -7.838  -3.100  -8.995  1.00 17.36 ? 2006 DG  B C4    1 
HETATM 225 CO CO    . CO  C 3 . ? -2.675  -7.037  3.379   1.00 37.44 ? 4002 CO  A CO    1 
HETATM 226 C  C1    . 8AD D 4 . ? 7.473   3.054   3.202   0.50 21.21 ? 3014 8AD A C1    1 
HETATM 227 C  C2    . 8AD D 4 . ? 8.296   2.017   3.595   0.50 25.94 ? 3014 8AD A C2    1 
HETATM 228 C  C3    . 8AD D 4 . ? 8.129   1.411   4.814   0.50 25.61 ? 3014 8AD A C3    1 
HETATM 229 C  C4    . 8AD D 4 . ? 7.085   1.756   5.695   0.50 26.73 ? 3014 8AD A C4    1 
HETATM 230 C  C5    . 8AD D 4 . ? 3.489   4.584   6.780   0.50 30.53 ? 3014 8AD A C5    1 
HETATM 231 C  C6    . 8AD D 4 . ? 2.655   5.671   6.550   0.50 22.45 ? 3014 8AD A C6    1 
HETATM 232 C  C7    . 8AD D 4 . ? 2.659   6.305   5.315   0.50 23.30 ? 3014 8AD A C7    1 
HETATM 233 C  C8    . 8AD D 4 . ? 3.640   6.007   4.384   0.50 19.67 ? 3014 8AD A C8    1 
HETATM 234 C  C9    . 8AD D 4 . ? 5.525   4.533   3.649   0.50 19.35 ? 3014 8AD A C9    1 
HETATM 235 N  N10   . 8AD D 4 . ? 5.324   3.298   6.150   0.50 31.69 ? 3014 8AD A N10   1 
HETATM 236 C  C11   . 8AD D 4 . ? 6.458   3.528   4.048   0.50 19.11 ? 3014 8AD A C11   1 
HETATM 237 C  C12   . 8AD D 4 . ? 6.257   2.862   5.321   0.50 28.09 ? 3014 8AD A C12   1 
HETATM 238 C  C13   . 8AD D 4 . ? 4.558   4.956   4.600   0.50 29.20 ? 3014 8AD A C13   1 
HETATM 239 C  C14   . 8AD D 4 . ? 4.483   4.254   5.856   0.50 32.32 ? 3014 8AD A C14   1 
HETATM 240 N  N9    . 8AD D 4 . ? 5.682   5.212   2.486   0.50 27.67 ? 3014 8AD A N9    1 
HETATM 241 CO CO    . CO  E 3 . ? -7.921  -2.759  -13.364 0.50 21.88 ? 4001 CO  B CO    1 
HETATM 242 NA NA    . NA  F 5 . ? 0.329   5.898   12.037  0.25 37.18 ? 4003 NA  B NA    1 
HETATM 243 O  O     . HOH G 6 . ? 7.572   -7.375  -5.762  1.00 27.32 ? 4007 HOH A O     1 
HETATM 244 O  O     . HOH G 6 . ? 6.631   -1.799  3.879   1.00 34.10 ? 4008 HOH A O     1 
HETATM 245 O  O     . HOH G 6 . ? 2.728   1.617   -3.805  1.00 29.32 ? 4014 HOH A O     1 
HETATM 246 O  O     . HOH G 6 . ? 11.456  -5.995  -3.451  0.50 52.78 ? 4017 HOH A O     1 
HETATM 247 O  O     . HOH G 6 . ? 4.581   1.075   -6.200  1.00 28.71 ? 4021 HOH A O     1 
HETATM 248 O  O     . HOH G 6 . ? -4.229  -6.110  1.908   1.00 39.62 ? 4022 HOH A O     1 
HETATM 249 O  O     . HOH G 6 . ? -1.874  -4.782  3.386   1.00 36.75 ? 4023 HOH A O     1 
HETATM 250 O  O     . HOH G 6 . ? 8.479   -11.018 -2.166  1.00 49.34 ? 4025 HOH A O     1 
HETATM 251 O  O     . HOH G 6 . ? -3.422  -8.969  3.122   1.00 36.39 ? 4026 HOH A O     1 
HETATM 252 O  O     . HOH G 6 . ? -3.224  -6.517  5.285   1.00 41.97 ? 4027 HOH A O     1 
HETATM 253 O  O     . HOH G 6 . ? -0.910  -8.180  4.788   1.00 39.81 ? 4028 HOH A O     1 
HETATM 254 O  O     . HOH G 6 . ? 8.012   -3.353  0.459   1.00 43.89 ? 4032 HOH A O     1 
HETATM 255 O  O     . HOH H 6 . ? -6.718  7.048   -4.988  1.00 52.47 ? 4004 HOH B O     1 
HETATM 256 O  O     . HOH H 6 . ? -7.641  0.677   -12.840 0.50 14.31 ? 4005 HOH B O     1 
HETATM 257 O  O     . HOH H 6 . ? -5.334  1.044   -11.962 1.00 35.87 ? 4006 HOH B O     1 
HETATM 258 O  O     . HOH H 6 . ? -5.640  -9.835  -8.176  1.00 20.50 ? 4009 HOH B O     1 
HETATM 259 O  O     . HOH H 6 . ? -3.941  -4.610  -13.326 1.00 29.21 ? 4010 HOH B O     1 
HETATM 260 O  O     . HOH H 6 . ? -7.061  1.825   -1.302  1.00 57.99 ? 4011 HOH B O     1 
HETATM 261 O  O     . HOH H 6 . ? 3.016   -0.508  6.690   1.00 42.18 ? 4012 HOH B O     1 
HETATM 262 O  O     . HOH H 6 . ? -9.443  -1.540  -13.211 0.50 10.76 ? 4013 HOH B O     1 
HETATM 263 O  O     . HOH H 6 . ? -4.507  -0.338  2.175   1.00 34.04 ? 4015 HOH B O     1 
HETATM 264 O  O     . HOH H 6 . ? -6.568  -0.827  0.224   1.00 31.05 ? 4016 HOH B O     1 
HETATM 265 O  O     . HOH H 6 . ? -7.230  1.510   -5.103  1.00 28.20 ? 4018 HOH B O     1 
HETATM 266 O  O     . HOH H 6 . ? -0.806  -1.209  5.387   1.00 41.36 ? 4019 HOH B O     1 
HETATM 267 O  O     . HOH H 6 . ? -6.847  -4.615  -13.673 1.00 21.90 ? 4020 HOH B O     1 
HETATM 268 O  O     . HOH H 6 . ? -7.328  -7.131  -13.216 1.00 28.35 ? 4024 HOH B O     1 
HETATM 269 O  O     . HOH H 6 . ? 0.317   6.038   9.845   0.50 20.97 ? 4029 HOH B O     1 
HETATM 270 O  O     . HOH H 6 . ? -0.555  -1.746  -10.910 1.00 38.19 ? 4030 HOH B O     1 
HETATM 271 O  O     . HOH H 6 . ? -6.211  1.247   3.883   1.00 32.32 ? 4031 HOH B O     1 
HETATM 272 O  O     . HOH H 6 . ? -8.157  2.164   -8.200  1.00 33.80 ? 4033 HOH B O     1 
HETATM 273 O  O     . HOH H 6 . ? -4.386  -11.720 -9.962  1.00 30.19 ? 4034 HOH B O     1 
# 
loop_
_atom_site_anisotrop.id 
_atom_site_anisotrop.type_symbol 
_atom_site_anisotrop.pdbx_label_atom_id 
_atom_site_anisotrop.pdbx_label_alt_id 
_atom_site_anisotrop.pdbx_label_comp_id 
_atom_site_anisotrop.pdbx_label_asym_id 
_atom_site_anisotrop.pdbx_label_seq_id 
_atom_site_anisotrop.pdbx_PDB_ins_code 
_atom_site_anisotrop.U[1][1] 
_atom_site_anisotrop.U[2][2] 
_atom_site_anisotrop.U[3][3] 
_atom_site_anisotrop.U[1][2] 
_atom_site_anisotrop.U[1][3] 
_atom_site_anisotrop.U[2][3] 
_atom_site_anisotrop.pdbx_auth_seq_id 
_atom_site_anisotrop.pdbx_auth_comp_id 
_atom_site_anisotrop.pdbx_auth_asym_id 
_atom_site_anisotrop.pdbx_auth_atom_id 
225 CO CO . CO C . ? 0.4871 0.5225 0.4129 -0.1149 0.1549 -0.0203 4002 CO A CO 
241 CO CO . CO E . ? 0.1891 0.4241 0.2181 0.0187  0.0065 0.0319  4001 CO B CO 
242 NA NA . NA F . ? 0.6871 0.5782 0.1475 -0.0397 0.2043 0.0498  4003 NA B NA 
# 
